data_3C48
#
_entry.id   3C48
#
_cell.length_a   79.743
_cell.length_b   79.743
_cell.length_c   148.364
_cell.angle_alpha   90.00
_cell.angle_beta   90.00
_cell.angle_gamma   120.00
#
_symmetry.space_group_name_H-M   'P 31'
#
loop_
_entity.id
_entity.type
_entity.pdbx_description
1 polymer 'Predicted glycosyltransferases'
2 non-polymer 'SULFATE ION'
3 water water
#
_entity_poly.entity_id   1
_entity_poly.type   'polypeptide(L)'
_entity_poly.pdbx_seq_one_letter_code
;MGSSHHHHHHSSGLVPRGSHMRVAMISMHTSPLQQPGTGDSGGMNVYILSTATELAKQGIEVDIYTRATRPSQGEIVRVA
ENLRVINIAAGPYEGLSKEELPTQLAAFTGGMLSFTRREKVTYDLIHSHYWLSGQVGWLLRDLWRIPLIHTAHTLAAVKN
SYRDDSDTPESEARRICEQQLVDNADVLAVNTQEEMQDLMHHYDADPDRISVVSPGADVELYSPGNDRATERSRRELGIP
LHTKVVAFVGRLQPFKGPQVLIKAVAALFDRDPDRNLRVIICGGPSGPNATPDTYRHMAEELGVEKRIRFLDPRPPSELV
AVYRAADIVAVPSFNESFGLVAMEAQASGTPVIAARVGGLPIAVAEGETGLLVDGHSPHAWADALATLLDDDETRIRMGE
DAVEHARTFSWAATAAQLSSLYNDAIANENVDGETHHG
;
_entity_poly.pdbx_strand_id   A,B
#
loop_
_chem_comp.id
_chem_comp.type
_chem_comp.name
_chem_comp.formula
SO4 non-polymer 'SULFATE ION' 'O4 S -2'
#
# COMPACT_ATOMS: atom_id res chain seq x y z
N SER A 19 35.00 3.68 -7.31
CA SER A 19 34.03 4.22 -8.30
C SER A 19 32.83 4.93 -7.64
N HIS A 20 32.38 6.01 -8.25
CA HIS A 20 31.24 6.79 -7.76
C HIS A 20 29.97 5.93 -7.77
N MET A 21 29.39 5.74 -6.57
CA MET A 21 28.18 4.94 -6.42
C MET A 21 27.28 5.45 -5.26
N ARG A 22 25.98 5.54 -5.54
CA ARG A 22 24.98 5.93 -4.55
C ARG A 22 23.80 4.97 -4.48
N VAL A 23 23.52 4.49 -3.28
CA VAL A 23 22.57 3.44 -3.01
C VAL A 23 21.48 3.96 -2.10
N ALA A 24 20.23 3.70 -2.49
CA ALA A 24 19.09 3.91 -1.61
C ALA A 24 18.76 2.57 -0.95
N MET A 25 18.94 2.49 0.36
CA MET A 25 18.37 1.38 1.13
C MET A 25 17.01 1.78 1.67
N ILE A 26 16.09 0.82 1.66
CA ILE A 26 14.73 1.11 2.04
C ILE A 26 14.38 0.23 3.22
N SER A 27 14.04 0.86 4.33
CA SER A 27 13.71 0.16 5.58
C SER A 27 12.45 0.82 6.21
N MET A 28 11.34 0.74 5.50
CA MET A 28 10.13 1.52 5.88
C MET A 28 9.67 1.32 7.33
N HIS A 29 9.57 0.07 7.77
CA HIS A 29 8.83 -0.24 9.01
C HIS A 29 9.67 -0.15 10.29
N THR A 30 10.98 0.00 10.15
CA THR A 30 11.88 -0.01 11.28
C THR A 30 13.10 0.86 11.01
N SER A 31 13.40 1.76 11.94
CA SER A 31 14.54 2.66 11.79
C SER A 31 15.84 2.02 12.23
N PRO A 32 16.91 2.19 11.42
CA PRO A 32 18.26 1.75 11.77
C PRO A 32 18.81 2.48 13.00
N LEU A 33 18.16 3.58 13.39
CA LEU A 33 18.64 4.47 14.44
C LEU A 33 18.17 4.12 15.87
N GLN A 34 17.60 2.93 16.06
CA GLN A 34 17.17 2.51 17.41
C GLN A 34 17.94 1.27 17.90
N GLN A 35 17.82 0.94 19.19
CA GLN A 35 18.46 -0.28 19.76
C GLN A 35 17.55 -1.02 20.75
N GLY A 43 17.77 -6.53 14.82
CA GLY A 43 17.84 -7.78 14.01
C GLY A 43 18.12 -7.44 12.55
N MET A 44 17.05 -7.09 11.82
CA MET A 44 17.17 -6.36 10.56
C MET A 44 17.92 -5.04 10.77
N ASN A 45 17.61 -4.37 11.88
CA ASN A 45 18.22 -3.09 12.24
C ASN A 45 19.75 -3.15 12.16
N VAL A 46 20.34 -4.16 12.82
CA VAL A 46 21.78 -4.41 12.84
C VAL A 46 22.36 -4.72 11.45
N TYR A 47 21.69 -5.56 10.68
CA TYR A 47 22.10 -5.90 9.32
C TYR A 47 22.17 -4.63 8.46
N ILE A 48 21.09 -3.86 8.47
CA ILE A 48 20.97 -2.65 7.62
C ILE A 48 22.01 -1.61 8.01
N LEU A 49 22.11 -1.33 9.30
CA LEU A 49 23.02 -0.31 9.81
C LEU A 49 24.45 -0.74 9.65
N SER A 50 24.74 -2.03 9.93
CA SER A 50 26.09 -2.57 9.78
C SER A 50 26.56 -2.62 8.32
N THR A 51 25.72 -3.11 7.41
CA THR A 51 26.05 -3.11 5.97
C THR A 51 26.20 -1.69 5.38
N ALA A 52 25.22 -0.83 5.65
CA ALA A 52 25.30 0.57 5.24
C ALA A 52 26.58 1.28 5.74
N THR A 53 26.91 1.06 7.01
CA THR A 53 28.09 1.67 7.63
C THR A 53 29.39 1.23 6.98
N GLU A 54 29.47 -0.06 6.62
CA GLU A 54 30.69 -0.63 6.08
C GLU A 54 30.87 -0.23 4.63
N LEU A 55 29.74 -0.16 3.92
CA LEU A 55 29.68 0.33 2.53
C LEU A 55 30.10 1.80 2.42
N ALA A 56 29.62 2.60 3.37
CA ALA A 56 30.00 4.01 3.50
C ALA A 56 31.52 4.16 3.75
N LYS A 57 32.08 3.31 4.61
CA LYS A 57 33.54 3.27 4.79
C LYS A 57 34.34 3.03 3.49
N GLN A 58 33.74 2.32 2.53
CA GLN A 58 34.34 2.04 1.21
C GLN A 58 34.18 3.20 0.24
N GLY A 59 33.51 4.27 0.65
CA GLY A 59 33.25 5.39 -0.25
C GLY A 59 32.00 5.26 -1.08
N ILE A 60 31.14 4.28 -0.78
CA ILE A 60 29.80 4.21 -1.39
C ILE A 60 28.87 5.09 -0.56
N GLU A 61 28.16 6.01 -1.21
CA GLU A 61 27.18 6.86 -0.51
C GLU A 61 25.89 6.06 -0.33
N VAL A 62 25.47 5.91 0.92
CA VAL A 62 24.23 5.20 1.22
C VAL A 62 23.27 6.12 1.97
N ASP A 63 22.02 6.19 1.50
CA ASP A 63 20.89 6.81 2.20
C ASP A 63 19.87 5.72 2.56
N ILE A 64 19.64 5.55 3.86
CA ILE A 64 18.66 4.58 4.33
C ILE A 64 17.37 5.35 4.61
N TYR A 65 16.30 4.96 3.90
CA TYR A 65 15.00 5.60 4.04
C TYR A 65 14.11 4.82 5.02
N THR A 66 13.51 5.55 5.96
CA THR A 66 12.63 4.96 6.97
C THR A 66 11.46 5.90 7.27
N ARG A 67 10.40 5.32 7.84
CA ARG A 67 9.22 6.13 8.18
C ARG A 67 9.57 7.01 9.39
N ALA A 68 9.17 8.28 9.39
CA ALA A 68 9.49 9.17 10.51
C ALA A 68 8.70 8.80 11.78
N THR A 69 9.40 8.62 12.90
CA THR A 69 8.77 8.20 14.18
C THR A 69 9.21 9.08 15.37
N ARG A 70 10.23 9.91 15.18
CA ARG A 70 10.80 10.69 16.28
C ARG A 70 11.12 12.12 15.85
N PRO A 71 10.20 13.06 16.13
CA PRO A 71 10.31 14.47 15.72
C PRO A 71 11.73 15.06 15.94
N SER A 72 12.33 14.72 17.09
CA SER A 72 13.65 15.19 17.51
C SER A 72 14.80 14.84 16.53
N GLN A 73 14.61 13.81 15.70
CA GLN A 73 15.62 13.42 14.72
C GLN A 73 15.65 14.35 13.49
N GLY A 74 14.54 15.04 13.22
CA GLY A 74 14.38 15.80 11.97
C GLY A 74 14.31 14.90 10.72
N GLU A 75 14.52 15.52 9.56
CA GLU A 75 14.43 14.79 8.28
C GLU A 75 15.70 13.99 7.93
N ILE A 76 16.85 14.67 7.95
CA ILE A 76 18.12 14.05 7.53
C ILE A 76 18.99 13.84 8.75
N VAL A 77 19.40 12.58 8.98
CA VAL A 77 20.36 12.25 10.04
C VAL A 77 21.69 11.86 9.43
N ARG A 78 22.73 12.66 9.70
CA ARG A 78 24.09 12.30 9.30
C ARG A 78 24.70 11.32 10.29
N VAL A 79 24.95 10.10 9.84
CA VAL A 79 25.41 9.04 10.74
C VAL A 79 26.93 8.94 10.74
N ALA A 80 27.50 8.95 9.53
CA ALA A 80 28.95 8.89 9.32
C ALA A 80 29.21 9.51 7.94
N GLU A 81 30.47 9.75 7.60
CA GLU A 81 30.81 10.15 6.23
C GLU A 81 30.15 9.18 5.20
N ASN A 82 29.41 9.73 4.23
CA ASN A 82 28.72 8.92 3.19
C ASN A 82 27.44 8.20 3.64
N LEU A 83 27.07 8.32 4.91
CA LEU A 83 25.89 7.60 5.43
C LEU A 83 24.85 8.51 6.03
N ARG A 84 23.63 8.47 5.48
CA ARG A 84 22.51 9.26 6.00
C ARG A 84 21.31 8.35 6.23
N VAL A 85 20.47 8.74 7.19
CA VAL A 85 19.15 8.16 7.39
C VAL A 85 18.14 9.26 7.04
N ILE A 86 17.15 8.91 6.21
CA ILE A 86 16.12 9.88 5.80
C ILE A 86 14.79 9.45 6.38
N ASN A 87 14.24 10.33 7.20
CA ASN A 87 12.97 10.09 7.85
C ASN A 87 11.88 10.72 7.05
N ILE A 88 10.98 9.86 6.58
CA ILE A 88 9.91 10.25 5.65
C ILE A 88 8.61 10.22 6.41
N ALA A 89 7.90 11.34 6.44
CA ALA A 89 6.60 11.40 7.11
C ALA A 89 5.55 10.66 6.27
N ALA A 90 4.96 9.64 6.85
CA ALA A 90 3.88 8.89 6.22
C ALA A 90 3.01 8.30 7.34
N GLY A 91 1.98 9.03 7.73
CA GLY A 91 1.14 8.63 8.87
C GLY A 91 1.67 9.19 10.18
N PRO A 92 0.98 8.93 11.31
CA PRO A 92 1.41 9.50 12.59
C PRO A 92 2.74 8.93 13.08
N TYR A 93 3.49 9.74 13.84
CA TYR A 93 4.81 9.32 14.30
C TYR A 93 4.73 8.14 15.29
N GLU A 94 3.61 8.01 15.98
CA GLU A 94 3.29 6.76 16.67
C GLU A 94 1.81 6.40 16.62
N GLY A 95 1.49 5.16 16.99
CA GLY A 95 0.10 4.70 16.99
C GLY A 95 -0.31 3.99 15.71
N LEU A 96 0.64 3.82 14.79
CA LEU A 96 0.40 3.03 13.60
C LEU A 96 1.24 1.75 13.68
N SER A 97 0.59 0.61 13.87
CA SER A 97 1.30 -0.67 14.00
C SER A 97 1.81 -1.24 12.65
N LYS A 98 2.73 -2.22 12.75
CA LYS A 98 3.31 -2.84 11.57
C LYS A 98 2.23 -3.46 10.68
N GLU A 99 1.16 -3.92 11.30
CA GLU A 99 0.06 -4.57 10.58
C GLU A 99 -0.76 -3.62 9.71
N GLU A 100 -0.81 -2.34 10.10
CA GLU A 100 -1.53 -1.30 9.33
C GLU A 100 -0.64 -0.49 8.38
N LEU A 101 0.67 -0.73 8.45
CA LEU A 101 1.65 -0.10 7.58
C LEU A 101 1.45 -0.22 6.05
N PRO A 102 0.89 -1.34 5.55
CA PRO A 102 0.51 -1.41 4.12
C PRO A 102 -0.32 -0.20 3.62
N THR A 103 -1.19 0.33 4.49
CA THR A 103 -2.00 1.54 4.18
C THR A 103 -1.13 2.77 3.84
N GLN A 104 0.15 2.75 4.23
CA GLN A 104 1.08 3.85 3.98
C GLN A 104 2.09 3.58 2.89
N LEU A 105 1.91 2.49 2.14
CA LEU A 105 2.85 2.14 1.09
C LEU A 105 3.02 3.21 -0.01
N ALA A 106 1.90 3.68 -0.55
CA ALA A 106 1.97 4.72 -1.58
C ALA A 106 2.43 6.04 -1.00
N ALA A 107 1.93 6.39 0.20
CA ALA A 107 2.28 7.64 0.86
C ALA A 107 3.77 7.73 1.16
N PHE A 108 4.34 6.63 1.65
CA PHE A 108 5.75 6.58 1.95
C PHE A 108 6.61 6.64 0.67
N THR A 109 6.21 5.93 -0.38
CA THR A 109 6.90 5.97 -1.67
C THR A 109 6.85 7.41 -2.23
N GLY A 110 5.65 8.00 -2.22
CA GLY A 110 5.46 9.38 -2.66
C GLY A 110 6.30 10.36 -1.87
N GLY A 111 6.34 10.15 -0.55
CA GLY A 111 7.18 10.96 0.35
C GLY A 111 8.68 10.80 0.08
N MET A 112 9.14 9.58 -0.20
CA MET A 112 10.54 9.38 -0.65
C MET A 112 10.85 10.22 -1.89
N LEU A 113 9.95 10.15 -2.87
CA LEU A 113 10.09 10.82 -4.17
C LEU A 113 10.13 12.32 -3.97
N SER A 114 9.24 12.84 -3.12
CA SER A 114 9.23 14.29 -2.83
C SER A 114 10.55 14.75 -2.22
N PHE A 115 11.10 13.96 -1.32
CA PHE A 115 12.41 14.26 -0.73
C PHE A 115 13.51 14.30 -1.80
N THR A 116 13.53 13.30 -2.68
CA THR A 116 14.52 13.27 -3.79
C THR A 116 14.43 14.47 -4.73
N ARG A 117 13.22 14.97 -4.95
CA ARG A 117 13.03 16.20 -5.76
C ARG A 117 13.51 17.48 -5.06
N ARG A 118 13.18 17.63 -3.77
CA ARG A 118 13.67 18.76 -2.97
C ARG A 118 15.19 18.75 -2.85
N GLU A 119 15.74 17.56 -2.65
CA GLU A 119 17.17 17.40 -2.35
C GLU A 119 18.00 17.30 -3.64
N LYS A 120 17.34 16.94 -4.75
CA LYS A 120 17.99 16.75 -6.07
C LYS A 120 19.08 15.66 -6.00
N VAL A 121 18.63 14.45 -5.65
CA VAL A 121 19.51 13.31 -5.43
C VAL A 121 19.07 12.20 -6.36
N THR A 122 20.06 11.62 -7.05
CA THR A 122 19.91 10.56 -8.09
C THR A 122 20.66 9.28 -7.67
N TYR A 123 19.97 8.13 -7.70
CA TYR A 123 20.52 6.88 -7.18
C TYR A 123 20.93 5.91 -8.30
N ASP A 124 21.85 4.99 -7.98
CA ASP A 124 22.36 4.01 -8.93
C ASP A 124 21.81 2.62 -8.69
N LEU A 125 21.35 2.36 -7.46
CA LEU A 125 20.83 1.04 -7.08
C LEU A 125 19.92 1.18 -5.86
N ILE A 126 18.92 0.31 -5.76
CA ILE A 126 18.08 0.22 -4.58
C ILE A 126 18.30 -1.11 -3.83
N HIS A 127 18.51 -1.06 -2.51
CA HIS A 127 18.52 -2.29 -1.68
C HIS A 127 17.39 -2.21 -0.63
N SER A 128 16.33 -2.98 -0.84
CA SER A 128 15.14 -2.97 0.02
C SER A 128 15.24 -4.15 1.02
N HIS A 129 14.60 -3.98 2.17
CA HIS A 129 14.67 -4.96 3.27
C HIS A 129 13.26 -5.20 3.81
N TYR A 130 12.83 -6.48 3.79
CA TYR A 130 11.51 -6.92 4.25
C TYR A 130 10.47 -6.52 3.20
N TRP A 131 9.38 -7.27 3.10
CA TRP A 131 8.45 -7.12 1.97
C TRP A 131 7.85 -5.73 1.72
N LEU A 132 7.56 -4.97 2.80
CA LEU A 132 6.94 -3.65 2.65
C LEU A 132 7.89 -2.75 1.88
N SER A 133 9.17 -2.73 2.28
CA SER A 133 10.18 -1.94 1.56
C SER A 133 10.47 -2.41 0.15
N GLY A 134 10.39 -3.72 -0.08
CA GLY A 134 10.56 -4.29 -1.42
C GLY A 134 9.50 -3.82 -2.39
N GLN A 135 8.26 -3.72 -1.91
CA GLN A 135 7.14 -3.16 -2.67
C GLN A 135 7.36 -1.70 -3.06
N VAL A 136 7.86 -0.92 -2.12
CA VAL A 136 8.30 0.45 -2.38
C VAL A 136 9.42 0.43 -3.43
N GLY A 137 10.42 -0.43 -3.22
CA GLY A 137 11.64 -0.44 -4.06
C GLY A 137 11.33 -0.87 -5.47
N TRP A 138 10.35 -1.76 -5.62
CA TRP A 138 9.90 -2.28 -6.93
C TRP A 138 9.32 -1.16 -7.84
N LEU A 139 8.42 -0.35 -7.29
CA LEU A 139 7.88 0.81 -8.00
C LEU A 139 9.02 1.75 -8.43
N LEU A 140 9.91 2.08 -7.49
CA LEU A 140 10.98 3.06 -7.75
C LEU A 140 12.02 2.57 -8.71
N ARG A 141 12.36 1.28 -8.64
CA ARG A 141 13.41 0.76 -9.53
C ARG A 141 12.94 0.88 -10.99
N ASP A 142 11.64 0.66 -11.24
CA ASP A 142 11.00 0.87 -12.56
C ASP A 142 11.02 2.33 -13.05
N LEU A 143 10.72 3.26 -12.14
CA LEU A 143 10.70 4.69 -12.40
C LEU A 143 12.10 5.21 -12.76
N TRP A 144 13.09 4.73 -12.01
CA TRP A 144 14.47 5.17 -12.18
C TRP A 144 15.31 4.28 -13.09
N ARG A 145 14.76 3.13 -13.44
CA ARG A 145 15.40 2.13 -14.31
C ARG A 145 16.78 1.72 -13.77
N ILE A 146 16.80 1.32 -12.49
CA ILE A 146 18.03 0.92 -11.80
C ILE A 146 17.74 -0.40 -11.11
N PRO A 147 18.80 -1.19 -10.79
CA PRO A 147 18.44 -2.48 -10.18
C PRO A 147 17.84 -2.43 -8.76
N LEU A 148 16.95 -3.38 -8.50
CA LEU A 148 16.44 -3.65 -7.17
C LEU A 148 17.07 -4.89 -6.55
N ILE A 149 17.80 -4.70 -5.45
CA ILE A 149 18.32 -5.85 -4.69
C ILE A 149 17.42 -5.97 -3.48
N HIS A 150 16.94 -7.18 -3.18
CA HIS A 150 15.98 -7.30 -2.08
C HIS A 150 16.33 -8.40 -1.11
N THR A 151 16.30 -8.03 0.18
CA THR A 151 16.56 -9.01 1.26
C THR A 151 15.24 -9.12 2.05
N ALA A 152 14.71 -10.35 2.14
CA ALA A 152 13.42 -10.56 2.82
C ALA A 152 13.55 -10.52 4.33
N HIS A 153 14.65 -11.06 4.87
CA HIS A 153 14.88 -11.24 6.33
C HIS A 153 13.96 -12.30 6.97
N THR A 154 12.64 -12.12 6.84
CA THR A 154 11.71 -13.23 7.21
C THR A 154 10.67 -13.41 6.12
N LEU A 155 10.03 -14.57 6.08
CA LEU A 155 9.09 -14.91 5.01
C LEU A 155 7.82 -15.48 5.61
N ALA A 156 6.67 -15.03 5.10
CA ALA A 156 5.36 -15.54 5.54
C ALA A 156 5.24 -17.07 5.41
N ALA A 157 5.73 -17.61 4.29
CA ALA A 157 5.66 -19.06 4.00
C ALA A 157 6.56 -19.89 4.92
N VAL A 158 7.61 -19.27 5.44
CA VAL A 158 8.52 -19.94 6.37
C VAL A 158 8.02 -19.82 7.82
N LYS A 159 7.55 -18.64 8.21
CA LYS A 159 6.94 -18.43 9.53
C LYS A 159 5.67 -19.28 9.72
N ASN A 160 4.80 -19.27 8.69
CA ASN A 160 3.50 -19.92 8.77
C ASN A 160 3.55 -21.27 8.07
N SER A 161 2.40 -21.90 7.91
CA SER A 161 2.33 -23.27 7.42
C SER A 161 0.90 -23.70 7.14
N TYR A 162 0.75 -24.67 6.23
CA TYR A 162 -0.54 -25.23 5.83
C TYR A 162 -1.17 -26.04 6.97
N ASP A 167 -1.97 -19.68 9.05
CA ASP A 167 -2.10 -18.47 8.25
C ASP A 167 -3.50 -17.84 8.21
N THR A 168 -3.52 -16.57 7.83
CA THR A 168 -4.68 -15.70 7.92
C THR A 168 -4.79 -14.90 6.61
N PRO A 169 -5.93 -14.21 6.38
CA PRO A 169 -6.03 -13.26 5.26
C PRO A 169 -4.84 -12.32 5.07
N GLU A 170 -4.27 -11.81 6.17
CA GLU A 170 -3.15 -10.89 6.10
C GLU A 170 -1.78 -11.56 5.96
N SER A 171 -1.62 -12.79 6.48
CA SER A 171 -0.41 -13.56 6.15
C SER A 171 -0.40 -13.93 4.67
N GLU A 172 -1.59 -14.20 4.14
CA GLU A 172 -1.78 -14.52 2.74
C GLU A 172 -1.47 -13.31 1.85
N ALA A 173 -1.96 -12.13 2.22
CA ALA A 173 -1.67 -10.91 1.49
C ALA A 173 -0.17 -10.64 1.47
N ARG A 174 0.48 -10.83 2.62
CA ARG A 174 1.94 -10.65 2.71
C ARG A 174 2.71 -11.63 1.83
N ARG A 175 2.27 -12.89 1.81
CA ARG A 175 2.89 -13.92 0.98
C ARG A 175 2.83 -13.58 -0.50
N ILE A 176 1.66 -13.15 -0.95
CA ILE A 176 1.48 -12.65 -2.33
C ILE A 176 2.47 -11.51 -2.68
N CYS A 177 2.70 -10.60 -1.73
CA CYS A 177 3.64 -9.50 -1.92
C CYS A 177 5.11 -9.98 -1.95
N GLU A 178 5.45 -10.92 -1.08
CA GLU A 178 6.74 -11.58 -1.13
C GLU A 178 6.95 -12.36 -2.43
N GLN A 179 5.89 -13.03 -2.91
CA GLN A 179 5.91 -13.70 -4.21
C GLN A 179 6.12 -12.71 -5.34
N GLN A 180 5.48 -11.54 -5.30
CA GLN A 180 5.71 -10.53 -6.34
C GLN A 180 7.18 -10.10 -6.40
N LEU A 181 7.79 -9.94 -5.24
CA LEU A 181 9.19 -9.53 -5.16
C LEU A 181 10.11 -10.62 -5.65
N VAL A 182 9.81 -11.88 -5.29
CA VAL A 182 10.53 -13.03 -5.90
C VAL A 182 10.50 -12.99 -7.46
N ASP A 183 9.34 -12.64 -8.01
CA ASP A 183 9.11 -12.63 -9.47
C ASP A 183 9.53 -11.35 -10.19
N ASN A 184 9.85 -10.29 -9.45
CA ASN A 184 10.22 -9.02 -10.04
C ASN A 184 11.60 -8.46 -9.67
N ALA A 185 12.06 -8.68 -8.43
CA ALA A 185 13.35 -8.06 -8.03
C ALA A 185 14.50 -8.54 -8.92
N ASP A 186 15.50 -7.69 -9.13
CA ASP A 186 16.62 -8.10 -9.98
C ASP A 186 17.50 -9.13 -9.28
N VAL A 187 17.70 -8.93 -7.97
CA VAL A 187 18.50 -9.86 -7.18
C VAL A 187 17.79 -10.13 -5.86
N LEU A 188 17.77 -11.40 -5.46
CA LEU A 188 17.24 -11.77 -4.16
C LEU A 188 18.43 -12.15 -3.28
N ALA A 189 18.81 -11.26 -2.34
CA ALA A 189 19.93 -11.53 -1.41
C ALA A 189 19.41 -12.26 -0.18
N VAL A 190 20.02 -13.39 0.13
CA VAL A 190 19.61 -14.22 1.28
C VAL A 190 20.81 -14.47 2.18
N ASN A 191 20.53 -14.78 3.44
CA ASN A 191 21.56 -14.95 4.47
C ASN A 191 22.33 -16.23 4.35
N THR A 192 21.64 -17.29 3.91
CA THR A 192 22.17 -18.63 3.93
C THR A 192 21.62 -19.47 2.76
N GLN A 193 22.22 -20.64 2.61
CA GLN A 193 21.77 -21.61 1.64
C GLN A 193 20.36 -22.11 1.96
N GLU A 194 20.06 -22.27 3.25
CA GLU A 194 18.75 -22.69 3.70
C GLU A 194 17.68 -21.70 3.23
N GLU A 195 17.95 -20.40 3.35
CA GLU A 195 17.03 -19.37 2.88
C GLU A 195 16.86 -19.43 1.36
N MET A 196 17.94 -19.73 0.65
CA MET A 196 17.87 -19.95 -0.82
C MET A 196 16.91 -21.11 -1.14
N GLN A 197 17.07 -22.21 -0.42
CA GLN A 197 16.21 -23.36 -0.60
C GLN A 197 14.77 -23.02 -0.27
N ASP A 198 14.58 -22.27 0.81
CA ASP A 198 13.25 -21.83 1.24
C ASP A 198 12.55 -21.02 0.16
N LEU A 199 13.32 -20.15 -0.51
CA LEU A 199 12.77 -19.36 -1.61
C LEU A 199 12.45 -20.25 -2.82
N MET A 200 13.30 -21.24 -3.09
CA MET A 200 13.03 -22.17 -4.17
C MET A 200 11.76 -23.03 -3.89
N HIS A 201 11.63 -23.53 -2.67
CA HIS A 201 10.50 -24.40 -2.30
C HIS A 201 9.17 -23.68 -2.24
N HIS A 202 9.14 -22.58 -1.49
CA HIS A 202 7.91 -21.90 -1.11
C HIS A 202 7.45 -20.87 -2.13
N TYR A 203 8.41 -20.26 -2.86
CA TYR A 203 8.11 -19.19 -3.79
C TYR A 203 8.53 -19.47 -5.25
N ASP A 204 9.06 -20.67 -5.52
CA ASP A 204 9.53 -21.06 -6.85
C ASP A 204 10.54 -20.00 -7.37
N ALA A 205 11.40 -19.49 -6.50
CA ALA A 205 12.39 -18.49 -6.90
C ALA A 205 13.41 -19.10 -7.87
N ASP A 206 13.78 -18.31 -8.87
CA ASP A 206 14.79 -18.73 -9.83
C ASP A 206 16.12 -18.67 -9.14
N PRO A 207 16.82 -19.81 -8.99
CA PRO A 207 18.12 -19.79 -8.27
C PRO A 207 19.20 -18.90 -8.90
N ASP A 208 19.10 -18.64 -10.21
CA ASP A 208 20.04 -17.74 -10.87
C ASP A 208 19.85 -16.28 -10.46
N ARG A 209 18.77 -15.97 -9.73
CA ARG A 209 18.53 -14.63 -9.23
C ARG A 209 18.84 -14.51 -7.74
N ILE A 210 19.26 -15.62 -7.13
CA ILE A 210 19.50 -15.62 -5.71
C ILE A 210 21.00 -15.52 -5.44
N SER A 211 21.41 -14.56 -4.59
CA SER A 211 22.80 -14.55 -4.10
C SER A 211 22.84 -14.71 -2.59
N VAL A 212 23.72 -15.57 -2.11
CA VAL A 212 23.89 -15.75 -0.66
C VAL A 212 24.85 -14.68 -0.17
N VAL A 213 24.32 -13.80 0.69
CA VAL A 213 25.12 -12.75 1.28
C VAL A 213 25.16 -13.03 2.78
N SER A 214 26.32 -13.44 3.26
CA SER A 214 26.43 -13.88 4.65
C SER A 214 26.55 -12.65 5.59
N PRO A 215 25.67 -12.57 6.62
CA PRO A 215 25.71 -11.48 7.60
C PRO A 215 27.00 -11.60 8.42
N GLY A 216 27.49 -10.52 9.00
CA GLY A 216 28.63 -10.61 9.89
C GLY A 216 28.28 -11.20 11.25
N ALA A 217 29.31 -11.54 12.02
CA ALA A 217 29.14 -12.05 13.37
C ALA A 217 28.41 -11.07 14.28
N ASP A 218 27.47 -11.62 15.06
CA ASP A 218 26.71 -10.89 16.09
C ASP A 218 27.69 -10.56 17.20
N VAL A 219 28.27 -9.37 17.15
CA VAL A 219 29.30 -8.97 18.11
C VAL A 219 28.73 -8.52 19.50
N GLU A 220 27.40 -8.40 19.63
CA GLU A 220 26.76 -8.18 20.95
C GLU A 220 26.63 -9.51 21.72
N LEU A 221 26.11 -10.53 21.03
CA LEU A 221 25.97 -11.87 21.59
C LEU A 221 27.35 -12.49 21.81
N TYR A 222 28.19 -12.44 20.78
CA TYR A 222 29.56 -12.97 20.87
C TYR A 222 30.51 -11.92 21.40
N SER A 223 30.73 -11.97 22.71
CA SER A 223 31.58 -11.03 23.44
C SER A 223 32.24 -11.77 24.61
N PRO A 224 33.37 -11.24 25.11
CA PRO A 224 34.06 -11.96 26.20
C PRO A 224 33.34 -11.95 27.56
N GLY A 225 32.43 -10.99 27.77
CA GLY A 225 31.77 -10.84 29.06
C GLY A 225 32.68 -10.09 30.02
N THR A 230 33.64 -16.49 31.77
CA THR A 230 34.50 -17.56 31.26
C THR A 230 34.63 -18.68 32.28
N GLU A 231 34.61 -18.30 33.55
CA GLU A 231 34.61 -19.27 34.66
C GLU A 231 33.26 -19.98 34.63
N ARG A 232 32.20 -19.18 34.50
CA ARG A 232 30.82 -19.67 34.42
C ARG A 232 30.60 -20.58 33.21
N SER A 233 31.27 -20.26 32.09
CA SER A 233 31.23 -21.08 30.87
C SER A 233 31.81 -22.49 31.07
N ARG A 234 32.96 -22.55 31.73
CA ARG A 234 33.63 -23.82 32.02
C ARG A 234 32.89 -24.68 33.07
N ARG A 235 32.08 -24.02 33.91
CA ARG A 235 31.20 -24.74 34.82
C ARG A 235 29.99 -25.28 34.06
N GLU A 236 29.42 -24.45 33.18
CA GLU A 236 28.32 -24.88 32.29
C GLU A 236 28.69 -26.13 31.45
N LEU A 237 29.92 -26.16 30.95
CA LEU A 237 30.38 -27.25 30.05
C LEU A 237 31.14 -28.39 30.73
N GLY A 238 31.37 -28.27 32.03
CA GLY A 238 32.06 -29.32 32.79
C GLY A 238 33.53 -29.47 32.43
N ILE A 239 34.15 -28.35 32.05
CA ILE A 239 35.59 -28.28 31.82
C ILE A 239 36.27 -27.71 33.08
N PRO A 240 37.08 -28.54 33.75
CA PRO A 240 37.77 -28.17 34.99
C PRO A 240 39.29 -28.03 34.83
N LEU A 241 39.88 -26.82 34.70
CA LEU A 241 39.32 -25.47 34.82
C LEU A 241 40.61 -24.64 34.71
N HIS A 242 41.70 -25.28 35.14
CA HIS A 242 43.07 -24.89 34.86
C HIS A 242 43.49 -25.32 33.44
N THR A 243 42.75 -26.26 32.88
CA THR A 243 43.14 -26.86 31.62
C THR A 243 43.10 -25.91 30.43
N LYS A 244 43.97 -26.16 29.46
CA LYS A 244 43.93 -25.42 28.22
C LYS A 244 42.98 -26.11 27.24
N VAL A 245 42.07 -25.34 26.64
CA VAL A 245 41.09 -25.92 25.70
C VAL A 245 41.12 -25.41 24.25
N VAL A 246 41.03 -26.37 23.31
CA VAL A 246 40.86 -26.07 21.89
C VAL A 246 39.44 -26.44 21.47
N ALA A 247 38.74 -25.49 20.85
CA ALA A 247 37.41 -25.74 20.33
C ALA A 247 37.35 -25.72 18.81
N PHE A 248 36.50 -26.58 18.28
CA PHE A 248 36.09 -26.55 16.89
C PHE A 248 34.57 -26.40 16.90
N VAL A 249 34.11 -25.49 16.05
CA VAL A 249 32.67 -25.24 15.85
C VAL A 249 32.44 -25.28 14.34
N GLY A 250 31.45 -26.05 13.90
CA GLY A 250 31.11 -26.12 12.47
C GLY A 250 30.45 -27.44 12.09
N ARG A 251 30.01 -27.54 10.84
CA ARG A 251 29.46 -28.77 10.27
C ARG A 251 30.55 -29.85 10.35
N LEU A 252 30.17 -31.01 10.86
CA LEU A 252 31.13 -32.11 10.93
C LEU A 252 31.15 -32.84 9.58
N GLN A 253 31.79 -32.20 8.60
CA GLN A 253 32.02 -32.81 7.28
C GLN A 253 33.48 -32.52 6.85
N PRO A 254 34.07 -33.38 5.97
CA PRO A 254 35.52 -33.29 5.71
C PRO A 254 36.08 -31.95 5.18
N PHE A 255 35.30 -31.19 4.40
CA PHE A 255 35.77 -29.88 3.92
C PHE A 255 35.83 -28.78 4.99
N LYS A 256 35.38 -29.08 6.20
CA LYS A 256 35.55 -28.22 7.37
C LYS A 256 36.76 -28.65 8.21
N GLY A 257 37.35 -29.77 7.82
CA GLY A 257 38.52 -30.35 8.48
C GLY A 257 38.46 -30.74 9.95
N PRO A 258 37.32 -31.27 10.46
CA PRO A 258 37.40 -31.71 11.88
C PRO A 258 38.38 -32.89 12.08
N GLN A 259 38.54 -33.74 11.04
CA GLN A 259 39.55 -34.79 11.00
C GLN A 259 40.99 -34.25 11.12
N VAL A 260 41.25 -33.10 10.51
CA VAL A 260 42.55 -32.41 10.59
C VAL A 260 42.90 -32.06 12.06
N LEU A 261 41.97 -31.43 12.77
CA LEU A 261 42.15 -31.14 14.19
C LEU A 261 42.44 -32.39 15.03
N ILE A 262 41.62 -33.43 14.84
CA ILE A 262 41.75 -34.68 15.58
C ILE A 262 43.11 -35.35 15.40
N LYS A 263 43.60 -35.38 14.15
CA LYS A 263 44.90 -35.96 13.83
C LYS A 263 46.04 -35.07 14.35
N ALA A 264 45.83 -33.75 14.31
CA ALA A 264 46.75 -32.78 14.94
C ALA A 264 46.81 -32.98 16.45
N VAL A 265 45.67 -33.21 17.08
CA VAL A 265 45.63 -33.49 18.52
C VAL A 265 46.30 -34.80 18.90
N ALA A 266 46.16 -35.83 18.06
CA ALA A 266 46.87 -37.10 18.27
C ALA A 266 48.40 -36.88 18.21
N ALA A 267 48.83 -36.13 17.18
CA ALA A 267 50.25 -35.78 17.02
C ALA A 267 50.79 -35.01 18.24
N LEU A 268 50.02 -34.05 18.74
CA LEU A 268 50.41 -33.35 19.97
C LEU A 268 50.67 -34.29 21.15
N PHE A 269 49.75 -35.24 21.36
CA PHE A 269 49.87 -36.16 22.46
C PHE A 269 50.97 -37.22 22.23
N ASP A 270 51.32 -37.50 20.96
CA ASP A 270 52.55 -38.27 20.65
C ASP A 270 53.77 -37.52 21.16
N ARG A 271 53.78 -36.18 20.98
CA ARG A 271 54.93 -35.37 21.39
C ARG A 271 55.10 -35.29 22.91
N ASP A 272 53.97 -35.25 23.62
CA ASP A 272 53.95 -35.06 25.06
C ASP A 272 52.71 -35.80 25.66
N PRO A 273 52.90 -37.13 26.00
CA PRO A 273 51.71 -37.91 26.57
C PRO A 273 50.88 -37.20 27.82
N ASP A 274 51.69 -36.43 28.52
CA ASP A 274 51.30 -35.65 29.70
C ASP A 274 50.94 -34.15 29.43
N ARG A 275 50.64 -33.76 28.21
CA ARG A 275 50.31 -32.32 27.92
C ARG A 275 49.03 -31.83 28.66
N ASN A 276 49.19 -30.54 28.91
CA ASN A 276 48.08 -29.63 29.36
C ASN A 276 46.57 -29.71 28.94
N LEU A 277 46.28 -30.38 27.81
CA LEU A 277 45.15 -30.07 26.85
C LEU A 277 43.87 -30.94 26.76
N ARG A 278 42.71 -30.27 26.58
CA ARG A 278 41.43 -30.92 26.22
C ARG A 278 40.78 -30.23 24.99
N VAL A 279 39.99 -31.00 24.24
CA VAL A 279 39.39 -30.54 22.99
C VAL A 279 37.87 -30.68 23.02
N ILE A 280 37.16 -29.63 22.57
CA ILE A 280 35.70 -29.66 22.45
C ILE A 280 35.28 -29.46 21.00
N ILE A 281 34.48 -30.39 20.49
CA ILE A 281 34.01 -30.34 19.11
C ILE A 281 32.49 -30.23 19.08
N CYS A 282 32.02 -29.13 18.50
CA CYS A 282 30.61 -28.79 18.46
C CYS A 282 30.32 -28.33 17.03
N GLY A 283 29.62 -29.08 16.19
CA GLY A 283 28.92 -30.31 16.49
C GLY A 283 27.97 -30.43 15.31
N GLY A 284 27.29 -31.56 15.19
CA GLY A 284 26.26 -31.69 14.16
C GLY A 284 26.70 -32.47 12.94
N PRO A 285 25.99 -33.58 12.65
CA PRO A 285 26.37 -34.46 11.52
C PRO A 285 26.09 -33.84 10.14
N SER A 286 26.70 -34.44 9.12
CA SER A 286 26.55 -34.01 7.75
C SER A 286 25.34 -34.69 7.08
N ASP A 293 28.55 -41.40 13.76
CA ASP A 293 29.64 -40.56 14.27
C ASP A 293 31.03 -41.02 13.81
N THR A 294 31.36 -40.65 12.56
CA THR A 294 32.70 -40.79 11.97
C THR A 294 33.79 -40.43 12.96
N TYR A 295 33.63 -39.26 13.59
CA TYR A 295 34.73 -38.58 14.25
C TYR A 295 35.08 -39.09 15.64
N ARG A 296 34.08 -39.56 16.40
CA ARG A 296 34.34 -40.24 17.68
C ARG A 296 35.09 -41.55 17.41
N HIS A 297 34.62 -42.33 16.44
CA HIS A 297 35.31 -43.56 16.03
C HIS A 297 36.73 -43.26 15.53
N MET A 298 36.88 -42.16 14.79
CA MET A 298 38.19 -41.68 14.39
C MET A 298 39.09 -41.32 15.58
N ALA A 299 38.55 -40.55 16.53
CA ALA A 299 39.28 -40.23 17.77
C ALA A 299 39.63 -41.47 18.57
N GLU A 300 38.76 -42.47 18.53
CA GLU A 300 38.97 -43.74 19.24
C GLU A 300 40.10 -44.51 18.56
N GLU A 301 40.07 -44.54 17.23
CA GLU A 301 41.11 -45.20 16.44
C GLU A 301 42.50 -44.62 16.72
N LEU A 302 42.59 -43.30 16.91
CA LEU A 302 43.87 -42.61 17.16
C LEU A 302 44.29 -42.50 18.63
N GLY A 303 43.48 -43.07 19.54
CA GLY A 303 43.78 -43.06 20.98
C GLY A 303 43.67 -41.72 21.71
N VAL A 304 42.76 -40.85 21.24
CA VAL A 304 42.53 -39.54 21.87
C VAL A 304 41.07 -39.27 22.29
N GLU A 305 40.23 -40.30 22.27
CA GLU A 305 38.79 -40.12 22.54
C GLU A 305 38.47 -39.53 23.92
N LYS A 306 39.35 -39.77 24.89
CA LYS A 306 39.22 -39.23 26.24
C LYS A 306 39.56 -37.74 26.35
N ARG A 307 40.43 -37.25 25.45
CA ARG A 307 40.88 -35.85 25.46
C ARG A 307 40.05 -34.96 24.53
N ILE A 308 39.19 -35.60 23.74
CA ILE A 308 38.31 -34.92 22.82
C ILE A 308 36.87 -35.15 23.24
N ARG A 309 36.07 -34.08 23.31
CA ARG A 309 34.65 -34.24 23.59
C ARG A 309 33.78 -33.74 22.46
N PHE A 310 32.71 -34.50 22.18
CA PHE A 310 31.73 -34.14 21.16
C PHE A 310 30.44 -33.56 21.73
N LEU A 311 30.17 -32.30 21.38
CA LEU A 311 29.00 -31.59 21.87
C LEU A 311 27.91 -31.52 20.80
N ASP A 312 26.67 -31.76 21.20
CA ASP A 312 25.52 -31.60 20.30
C ASP A 312 25.42 -30.13 19.85
N PRO A 313 25.05 -29.89 18.57
CA PRO A 313 24.90 -28.51 18.12
C PRO A 313 23.88 -27.78 18.98
N ARG A 314 24.02 -26.46 19.05
CA ARG A 314 23.15 -25.65 19.90
C ARG A 314 22.90 -24.30 19.24
N PRO A 315 21.85 -23.57 19.70
CA PRO A 315 21.57 -22.21 19.24
C PRO A 315 22.74 -21.26 19.55
N PRO A 316 22.79 -20.08 18.89
CA PRO A 316 23.84 -19.08 19.09
C PRO A 316 24.03 -18.65 20.56
N SER A 317 22.91 -18.55 21.30
CA SER A 317 22.89 -18.25 22.74
C SER A 317 23.79 -19.18 23.55
N GLU A 318 23.69 -20.47 23.24
CA GLU A 318 24.40 -21.51 23.95
C GLU A 318 25.82 -21.62 23.46
N LEU A 319 26.02 -21.26 22.19
CA LEU A 319 27.31 -21.33 21.54
C LEU A 319 28.33 -20.32 22.12
N VAL A 320 27.83 -19.24 22.74
CA VAL A 320 28.72 -18.25 23.39
C VAL A 320 29.64 -18.95 24.42
N ALA A 321 29.04 -19.82 25.24
CA ALA A 321 29.78 -20.53 26.29
C ALA A 321 30.95 -21.33 25.76
N VAL A 322 30.77 -22.01 24.63
CA VAL A 322 31.87 -22.80 24.03
C VAL A 322 33.03 -21.91 23.56
N TYR A 323 32.73 -20.81 22.88
CA TYR A 323 33.77 -19.85 22.50
C TYR A 323 34.49 -19.31 23.74
N ARG A 324 33.71 -18.91 24.74
CA ARG A 324 34.24 -18.38 26.01
C ARG A 324 35.07 -19.41 26.79
N ALA A 325 34.63 -20.66 26.81
CA ALA A 325 35.38 -21.71 27.49
C ALA A 325 36.69 -22.05 26.80
N ALA A 326 36.77 -21.81 25.50
CA ALA A 326 37.94 -22.15 24.70
C ALA A 326 39.11 -21.18 24.87
N ASP A 327 40.33 -21.70 24.80
CA ASP A 327 41.54 -20.84 24.75
C ASP A 327 41.92 -20.55 23.31
N ILE A 328 41.65 -21.51 22.43
CA ILE A 328 41.89 -21.36 20.99
C ILE A 328 40.73 -22.00 20.24
N VAL A 329 40.31 -21.36 19.14
CA VAL A 329 39.41 -21.97 18.18
C VAL A 329 40.22 -22.29 16.91
N ALA A 330 40.11 -23.55 16.49
CA ALA A 330 40.75 -24.05 15.28
C ALA A 330 39.75 -24.18 14.12
N VAL A 331 40.10 -23.58 12.99
CA VAL A 331 39.24 -23.56 11.80
C VAL A 331 40.01 -24.17 10.60
N PRO A 332 40.18 -25.52 10.57
CA PRO A 332 41.02 -26.17 9.53
C PRO A 332 40.26 -26.47 8.24
N SER A 333 39.53 -25.47 7.73
CA SER A 333 38.70 -25.62 6.53
C SER A 333 39.52 -25.86 5.27
N PHE A 334 38.97 -26.68 4.37
CA PHE A 334 39.51 -26.81 3.01
C PHE A 334 38.86 -25.77 2.10
N ASN A 335 37.57 -25.53 2.31
CA ASN A 335 36.85 -24.43 1.68
C ASN A 335 36.22 -23.57 2.79
N GLU A 336 36.28 -22.24 2.63
CA GLU A 336 35.66 -21.34 3.60
C GLU A 336 35.47 -19.96 2.99
N SER A 337 34.35 -19.77 2.29
CA SER A 337 34.00 -18.50 1.64
C SER A 337 34.15 -17.29 2.56
N PHE A 338 33.75 -17.46 3.83
CA PHE A 338 33.36 -16.30 4.63
C PHE A 338 34.10 -16.14 5.97
N GLY A 339 34.18 -17.22 6.73
CA GLY A 339 34.91 -17.18 7.97
C GLY A 339 34.08 -16.66 9.13
N LEU A 340 32.81 -17.05 9.19
CA LEU A 340 31.90 -16.59 10.23
C LEU A 340 32.19 -17.12 11.64
N VAL A 341 32.45 -18.41 11.75
CA VAL A 341 32.90 -19.02 13.02
C VAL A 341 34.18 -18.34 13.54
N ALA A 342 35.15 -18.09 12.67
CA ALA A 342 36.37 -17.34 13.05
C ALA A 342 36.01 -16.00 13.64
N MET A 343 35.18 -15.25 12.94
CA MET A 343 34.77 -13.95 13.45
C MET A 343 33.97 -14.02 14.76
N GLU A 344 33.11 -15.04 14.91
CA GLU A 344 32.32 -15.24 16.16
C GLU A 344 33.24 -15.54 17.31
N ALA A 345 34.24 -16.41 17.06
CA ALA A 345 35.28 -16.73 18.05
C ALA A 345 36.10 -15.50 18.48
N GLN A 346 36.52 -14.71 17.51
CA GLN A 346 37.27 -13.49 17.76
C GLN A 346 36.48 -12.43 18.57
N ALA A 347 35.22 -12.22 18.17
CA ALA A 347 34.29 -11.33 18.86
C ALA A 347 34.17 -11.72 20.32
N SER A 348 34.20 -13.02 20.58
CA SER A 348 34.16 -13.58 21.93
C SER A 348 35.44 -13.41 22.72
N GLY A 349 36.49 -12.93 22.06
CA GLY A 349 37.80 -12.78 22.69
C GLY A 349 38.64 -14.05 22.69
N THR A 350 38.42 -14.93 21.72
CA THR A 350 39.20 -16.15 21.60
C THR A 350 39.98 -16.10 20.30
N PRO A 351 41.33 -16.27 20.38
CA PRO A 351 42.14 -16.28 19.16
C PRO A 351 41.91 -17.54 18.30
N VAL A 352 42.13 -17.38 17.01
CA VAL A 352 41.78 -18.40 16.03
C VAL A 352 43.04 -18.89 15.30
N ILE A 353 43.19 -20.21 15.22
CA ILE A 353 44.10 -20.82 14.24
C ILE A 353 43.30 -21.33 13.03
N ALA A 354 43.57 -20.77 11.86
CA ALA A 354 42.80 -21.07 10.66
C ALA A 354 43.68 -21.50 9.50
N ALA A 355 43.10 -22.30 8.60
CA ALA A 355 43.76 -22.64 7.36
C ALA A 355 43.81 -21.38 6.51
N ARG A 356 44.92 -21.23 5.79
CA ARG A 356 45.12 -20.10 4.91
C ARG A 356 44.29 -20.32 3.63
N VAL A 357 42.96 -20.26 3.74
CA VAL A 357 42.02 -20.53 2.60
C VAL A 357 40.83 -19.56 2.58
N GLY A 358 40.36 -19.25 1.37
CA GLY A 358 39.13 -18.51 1.17
C GLY A 358 39.11 -17.18 1.90
N GLY A 359 38.08 -16.95 2.70
CA GLY A 359 37.93 -15.68 3.41
C GLY A 359 38.68 -15.61 4.74
N LEU A 360 39.39 -16.69 5.10
CA LEU A 360 40.01 -16.78 6.44
C LEU A 360 41.20 -15.86 6.70
N PRO A 361 42.12 -15.70 5.72
CA PRO A 361 43.19 -14.70 5.91
C PRO A 361 42.76 -13.23 6.04
N ILE A 362 41.49 -12.93 5.73
CA ILE A 362 40.90 -11.62 5.95
C ILE A 362 40.20 -11.59 7.31
N ALA A 363 39.51 -12.68 7.63
CA ALA A 363 38.81 -12.83 8.90
C ALA A 363 39.74 -12.83 10.13
N VAL A 364 40.95 -13.37 9.98
CA VAL A 364 41.90 -13.44 11.09
C VAL A 364 43.08 -12.51 10.78
N ALA A 365 43.40 -11.60 11.71
CA ALA A 365 44.61 -10.79 11.55
C ALA A 365 45.81 -11.64 11.95
N GLU A 366 46.50 -12.18 10.95
CA GLU A 366 47.59 -13.14 11.18
C GLU A 366 48.67 -12.55 12.07
N GLY A 367 49.07 -13.30 13.11
CA GLY A 367 50.04 -12.82 14.11
C GLY A 367 49.54 -11.75 15.08
N GLU A 368 48.30 -11.32 14.90
CA GLU A 368 47.70 -10.32 15.79
C GLU A 368 46.54 -10.90 16.58
N THR A 369 45.65 -11.63 15.91
CA THR A 369 44.43 -12.16 16.53
C THR A 369 44.34 -13.67 16.39
N GLY A 370 45.38 -14.24 15.82
CA GLY A 370 45.48 -15.68 15.68
C GLY A 370 46.58 -16.04 14.71
N LEU A 371 46.56 -17.27 14.23
CA LEU A 371 47.55 -17.78 13.29
C LEU A 371 46.88 -18.33 12.03
N LEU A 372 47.62 -18.35 10.93
CA LEU A 372 47.15 -18.97 9.71
C LEU A 372 48.09 -20.11 9.36
N VAL A 373 47.52 -21.28 9.05
CA VAL A 373 48.33 -22.49 8.74
C VAL A 373 48.26 -22.78 7.25
N ASP A 374 49.42 -23.11 6.69
CA ASP A 374 49.48 -23.48 5.28
C ASP A 374 49.26 -24.98 5.18
N GLY A 375 48.23 -25.33 4.44
CA GLY A 375 47.86 -26.72 4.27
C GLY A 375 47.18 -27.33 5.48
N HIS A 376 47.17 -28.66 5.49
CA HIS A 376 46.30 -29.41 6.37
C HIS A 376 46.97 -30.61 7.04
N SER A 377 48.30 -30.67 7.00
CA SER A 377 49.01 -31.78 7.66
C SER A 377 48.79 -31.73 9.17
N PRO A 378 48.64 -32.90 9.81
CA PRO A 378 48.54 -32.92 11.27
C PRO A 378 49.74 -32.25 11.94
N HIS A 379 50.91 -32.32 11.30
CA HIS A 379 52.15 -31.81 11.92
C HIS A 379 52.28 -30.29 11.90
N ALA A 380 51.88 -29.66 10.79
CA ALA A 380 51.75 -28.19 10.74
C ALA A 380 50.73 -27.70 11.76
N TRP A 381 49.68 -28.49 11.94
CA TRP A 381 48.55 -28.06 12.80
C TRP A 381 48.94 -28.25 14.27
N ALA A 382 49.59 -29.36 14.57
CA ALA A 382 50.18 -29.56 15.91
C ALA A 382 51.22 -28.47 16.26
N ASP A 383 52.08 -28.10 15.31
CA ASP A 383 53.03 -26.97 15.50
C ASP A 383 52.32 -25.67 15.87
N ALA A 384 51.26 -25.34 15.14
CA ALA A 384 50.51 -24.09 15.36
C ALA A 384 49.78 -24.13 16.71
N LEU A 385 49.18 -25.27 17.03
CA LEU A 385 48.52 -25.43 18.33
C LEU A 385 49.48 -25.23 19.47
N ALA A 386 50.63 -25.91 19.41
CA ALA A 386 51.65 -25.86 20.46
C ALA A 386 52.20 -24.45 20.65
N THR A 387 52.39 -23.72 19.55
CA THR A 387 52.85 -22.33 19.61
C THR A 387 51.94 -21.45 20.48
N LEU A 388 50.62 -21.56 20.29
CA LEU A 388 49.71 -20.79 21.10
C LEU A 388 49.44 -21.37 22.48
N LEU A 389 49.43 -22.69 22.63
CA LEU A 389 49.24 -23.29 23.97
C LEU A 389 50.39 -22.98 24.91
N ASP A 390 51.60 -22.94 24.37
CA ASP A 390 52.82 -22.84 25.16
C ASP A 390 53.20 -21.40 25.43
N ASP A 391 52.60 -20.49 24.67
CA ASP A 391 52.85 -19.08 24.90
C ASP A 391 51.59 -18.34 25.44
N ASP A 392 51.42 -18.39 26.77
CA ASP A 392 50.26 -17.80 27.44
C ASP A 392 50.10 -16.32 27.16
N GLU A 393 51.21 -15.59 27.22
CA GLU A 393 51.21 -14.15 27.01
C GLU A 393 50.73 -13.72 25.62
N THR A 394 51.27 -14.32 24.56
CA THR A 394 50.85 -13.97 23.18
C THR A 394 49.40 -14.39 22.93
N ARG A 395 49.04 -15.58 23.38
CA ARG A 395 47.69 -16.11 23.23
C ARG A 395 46.62 -15.18 23.87
N ILE A 396 46.89 -14.74 25.10
CA ILE A 396 45.97 -13.89 25.84
C ILE A 396 45.84 -12.51 25.18
N ARG A 397 46.98 -11.98 24.73
CA ARG A 397 47.04 -10.73 23.98
C ARG A 397 46.23 -10.79 22.69
N MET A 398 46.32 -11.93 21.98
CA MET A 398 45.60 -12.17 20.72
C MET A 398 44.10 -12.20 20.92
N GLY A 399 43.68 -12.93 21.95
CA GLY A 399 42.30 -12.93 22.44
C GLY A 399 41.72 -11.54 22.73
N GLU A 400 42.49 -10.67 23.37
CA GLU A 400 42.06 -9.30 23.67
C GLU A 400 41.99 -8.46 22.39
N ASP A 401 43.03 -8.53 21.56
CA ASP A 401 43.01 -7.85 20.28
C ASP A 401 41.89 -8.39 19.38
N ALA A 402 41.60 -9.68 19.47
CA ALA A 402 40.55 -10.28 18.63
C ALA A 402 39.20 -9.55 18.69
N VAL A 403 38.85 -8.99 19.86
CA VAL A 403 37.52 -8.40 20.06
C VAL A 403 37.31 -7.16 19.20
N GLU A 404 38.28 -6.24 19.21
CA GLU A 404 38.19 -5.04 18.38
C GLU A 404 38.24 -5.42 16.90
N HIS A 405 39.10 -6.39 16.58
CA HIS A 405 39.20 -6.87 15.21
C HIS A 405 37.86 -7.32 14.65
N ALA A 406 37.09 -8.07 15.45
CA ALA A 406 35.78 -8.51 15.01
C ALA A 406 34.83 -7.33 14.86
N ARG A 407 34.78 -6.49 15.91
CA ARG A 407 33.86 -5.34 16.01
C ARG A 407 34.08 -4.31 14.91
N THR A 408 35.27 -4.36 14.30
CA THR A 408 35.62 -3.51 13.17
C THR A 408 35.42 -4.23 11.83
N PHE A 409 35.80 -5.50 11.77
CA PHE A 409 35.95 -6.27 10.50
C PHE A 409 34.86 -7.30 10.09
N SER A 410 33.90 -7.66 10.95
CA SER A 410 33.01 -8.79 10.53
C SER A 410 32.00 -8.50 9.44
N TRP A 411 31.40 -7.31 9.53
CA TRP A 411 30.43 -6.90 8.53
C TRP A 411 31.15 -6.34 7.30
N ALA A 412 32.48 -6.19 7.42
CA ALA A 412 33.33 -5.73 6.32
C ALA A 412 33.28 -6.70 5.13
N ALA A 413 33.39 -8.00 5.41
CA ALA A 413 33.31 -9.01 4.36
C ALA A 413 31.90 -9.06 3.75
N THR A 414 30.87 -8.86 4.58
CA THR A 414 29.49 -8.78 4.11
C THR A 414 29.34 -7.60 3.14
N ALA A 415 29.84 -6.43 3.52
CA ALA A 415 29.74 -5.25 2.66
C ALA A 415 30.55 -5.39 1.36
N ALA A 416 31.67 -6.12 1.43
CA ALA A 416 32.49 -6.47 0.28
C ALA A 416 31.75 -7.35 -0.74
N GLN A 417 31.06 -8.40 -0.28
CA GLN A 417 30.22 -9.13 -1.24
C GLN A 417 29.01 -8.31 -1.78
N LEU A 418 28.46 -7.39 -0.96
CA LEU A 418 27.38 -6.53 -1.42
C LEU A 418 27.86 -5.62 -2.53
N SER A 419 29.03 -5.01 -2.32
CA SER A 419 29.61 -4.13 -3.31
C SER A 419 29.87 -4.85 -4.66
N SER A 420 30.40 -6.08 -4.62
CA SER A 420 30.52 -6.94 -5.79
C SER A 420 29.19 -7.27 -6.45
N LEU A 421 28.22 -7.67 -5.64
CA LEU A 421 26.86 -7.92 -6.09
C LEU A 421 26.22 -6.67 -6.75
N TYR A 422 26.32 -5.53 -6.07
CA TYR A 422 25.81 -4.27 -6.61
C TYR A 422 26.45 -3.94 -7.95
N ASN A 423 27.77 -4.14 -8.06
CA ASN A 423 28.48 -3.84 -9.32
C ASN A 423 28.03 -4.74 -10.46
N ASP A 424 27.94 -6.04 -10.19
CA ASP A 424 27.46 -6.99 -11.17
C ASP A 424 26.01 -6.70 -11.60
N ALA A 425 25.16 -6.32 -10.65
CA ALA A 425 23.76 -5.99 -10.93
C ALA A 425 23.60 -4.77 -11.86
N ILE A 426 24.41 -3.74 -11.60
CA ILE A 426 24.47 -2.54 -12.45
C ILE A 426 25.10 -2.86 -13.81
N ALA A 427 26.18 -3.66 -13.84
CA ALA A 427 26.80 -4.01 -15.13
C ALA A 427 25.82 -4.80 -15.99
N ASN A 428 24.97 -5.60 -15.35
CA ASN A 428 24.06 -6.49 -16.05
C ASN A 428 22.62 -6.02 -15.96
N GLU A 429 22.46 -4.72 -15.66
CA GLU A 429 21.16 -4.07 -15.48
C GLU A 429 20.33 -4.12 -16.75
N ASN A 430 19.05 -4.44 -16.57
CA ASN A 430 18.17 -4.71 -17.66
C ASN A 430 16.76 -4.40 -17.19
N VAL A 431 16.56 -3.15 -16.77
CA VAL A 431 15.27 -2.69 -16.28
C VAL A 431 14.58 -1.86 -17.37
N ASP A 432 13.50 -2.38 -17.92
CA ASP A 432 12.79 -1.65 -18.98
C ASP A 432 11.70 -0.72 -18.45
N GLY A 433 11.24 -0.96 -17.22
CA GLY A 433 10.15 -0.16 -16.67
C GLY A 433 8.80 -0.66 -17.13
N GLU A 434 8.78 -1.60 -18.08
CA GLU A 434 7.58 -2.11 -18.75
C GLU A 434 7.12 -3.50 -18.31
N THR A 435 8.05 -4.35 -17.93
CA THR A 435 7.74 -5.73 -17.52
C THR A 435 7.43 -5.64 -16.04
N HIS A 436 6.22 -6.06 -15.66
CA HIS A 436 5.73 -5.89 -14.29
C HIS A 436 4.80 -7.07 -14.06
N HIS A 437 5.26 -8.07 -13.31
CA HIS A 437 4.47 -9.28 -13.05
C HIS A 437 3.70 -9.09 -11.75
N GLY A 438 2.54 -8.47 -11.85
CA GLY A 438 1.74 -8.09 -10.69
C GLY A 438 0.94 -9.27 -10.17
N MET B 21 -8.79 17.00 -23.78
CA MET B 21 -8.43 16.61 -22.39
C MET B 21 -8.41 15.09 -22.20
N ARG B 22 -7.41 14.62 -21.43
CA ARG B 22 -7.21 13.21 -21.15
C ARG B 22 -7.23 12.99 -19.64
N VAL B 23 -8.17 12.17 -19.17
CA VAL B 23 -8.42 11.97 -17.72
C VAL B 23 -8.11 10.54 -17.35
N ALA B 24 -7.32 10.36 -16.29
CA ALA B 24 -7.17 9.04 -15.70
C ALA B 24 -8.08 8.96 -14.47
N MET B 25 -9.07 8.08 -14.52
CA MET B 25 -9.87 7.85 -13.34
C MET B 25 -9.30 6.62 -12.69
N ILE B 26 -9.30 6.61 -11.36
CA ILE B 26 -8.78 5.49 -10.60
C ILE B 26 -9.83 4.92 -9.67
N SER B 27 -10.12 3.63 -9.87
CA SER B 27 -11.12 2.87 -9.09
C SER B 27 -10.48 1.49 -8.76
N MET B 28 -9.38 1.51 -8.01
CA MET B 28 -8.62 0.31 -7.69
C MET B 28 -9.45 -0.91 -7.20
N HIS B 29 -10.29 -0.70 -6.19
CA HIS B 29 -10.88 -1.82 -5.45
C HIS B 29 -12.17 -2.39 -6.07
N THR B 30 -12.68 -1.70 -7.08
CA THR B 30 -13.96 -2.07 -7.67
C THR B 30 -14.03 -1.67 -9.13
N SER B 31 -14.42 -2.63 -9.95
CA SER B 31 -14.55 -2.41 -11.36
C SER B 31 -15.87 -1.73 -11.70
N PRO B 32 -15.83 -0.66 -12.51
CA PRO B 32 -17.01 0.07 -12.98
C PRO B 32 -17.79 -0.77 -13.98
N LEU B 33 -17.21 -1.93 -14.34
CA LEU B 33 -17.80 -2.87 -15.28
C LEU B 33 -18.77 -3.91 -14.70
N GLN B 34 -18.91 -3.97 -13.37
CA GLN B 34 -19.98 -4.85 -12.82
C GLN B 34 -21.32 -4.14 -12.71
N GLN B 35 -22.40 -4.92 -12.73
CA GLN B 35 -23.78 -4.39 -12.62
C GLN B 35 -24.10 -3.94 -11.20
N GLY B 43 -23.22 1.99 -5.53
CA GLY B 43 -23.37 3.41 -5.85
C GLY B 43 -22.15 4.01 -6.54
N MET B 44 -20.98 3.68 -6.03
CA MET B 44 -19.73 4.27 -6.56
C MET B 44 -19.43 3.78 -7.99
N ASN B 45 -19.65 2.48 -8.22
CA ASN B 45 -19.53 1.90 -9.57
C ASN B 45 -20.32 2.68 -10.63
N VAL B 46 -21.61 2.95 -10.38
CA VAL B 46 -22.44 3.65 -11.41
C VAL B 46 -22.07 5.12 -11.55
N TYR B 47 -21.68 5.76 -10.45
CA TYR B 47 -21.14 7.10 -10.49
C TYR B 47 -19.94 7.19 -11.43
N ILE B 48 -19.01 6.25 -11.27
CA ILE B 48 -17.74 6.31 -12.00
C ILE B 48 -18.04 6.05 -13.49
N LEU B 49 -18.81 5.01 -13.78
CA LEU B 49 -19.15 4.64 -15.17
C LEU B 49 -19.96 5.72 -15.88
N SER B 50 -20.99 6.26 -15.19
CA SER B 50 -21.85 7.30 -15.76
C SER B 50 -21.14 8.59 -16.04
N THR B 51 -20.36 9.09 -15.07
CA THR B 51 -19.63 10.34 -15.30
C THR B 51 -18.63 10.13 -16.42
N ALA B 52 -17.87 9.03 -16.38
CA ALA B 52 -16.86 8.76 -17.42
C ALA B 52 -17.49 8.64 -18.81
N THR B 53 -18.61 7.92 -18.89
CA THR B 53 -19.37 7.78 -20.15
C THR B 53 -19.83 9.15 -20.71
N GLU B 54 -20.29 10.01 -19.82
CA GLU B 54 -20.77 11.32 -20.21
C GLU B 54 -19.65 12.28 -20.62
N LEU B 55 -18.54 12.25 -19.87
CA LEU B 55 -17.33 13.00 -20.24
C LEU B 55 -16.85 12.61 -21.64
N ALA B 56 -16.84 11.31 -21.91
CA ALA B 56 -16.38 10.77 -23.19
C ALA B 56 -17.28 11.23 -24.36
N LYS B 57 -18.59 11.31 -24.11
CA LYS B 57 -19.56 11.89 -25.06
C LYS B 57 -19.22 13.31 -25.46
N GLN B 58 -18.71 14.07 -24.47
CA GLN B 58 -18.20 15.43 -24.66
C GLN B 58 -16.83 15.53 -25.35
N GLY B 59 -16.23 14.39 -25.69
CA GLY B 59 -14.92 14.38 -26.34
C GLY B 59 -13.72 14.41 -25.41
N ILE B 60 -13.94 14.24 -24.10
CA ILE B 60 -12.85 14.05 -23.14
C ILE B 60 -12.46 12.55 -23.13
N GLU B 61 -11.16 12.24 -23.24
CA GLU B 61 -10.72 10.86 -23.20
C GLU B 61 -10.58 10.42 -21.76
N VAL B 62 -11.27 9.34 -21.41
CA VAL B 62 -11.21 8.82 -20.03
C VAL B 62 -10.72 7.37 -20.06
N ASP B 63 -9.65 7.10 -19.30
CA ASP B 63 -9.28 5.74 -18.95
C ASP B 63 -9.57 5.47 -17.47
N ILE B 64 -10.37 4.44 -17.20
CA ILE B 64 -10.65 4.01 -15.83
C ILE B 64 -9.76 2.83 -15.45
N TYR B 65 -8.93 3.01 -14.43
CA TYR B 65 -7.96 2.03 -14.00
C TYR B 65 -8.54 1.26 -12.81
N THR B 66 -8.50 -0.07 -12.90
CA THR B 66 -9.04 -0.87 -11.82
C THR B 66 -8.14 -2.08 -11.67
N ARG B 67 -8.17 -2.72 -10.51
CA ARG B 67 -7.44 -3.98 -10.34
C ARG B 67 -8.08 -5.07 -11.23
N ALA B 68 -7.24 -5.89 -11.87
CA ALA B 68 -7.73 -6.97 -12.74
C ALA B 68 -8.34 -8.09 -11.91
N THR B 69 -9.56 -8.51 -12.27
CA THR B 69 -10.26 -9.54 -11.51
C THR B 69 -10.89 -10.60 -12.41
N ARG B 70 -10.94 -10.34 -13.72
CA ARG B 70 -11.63 -11.21 -14.68
C ARG B 70 -10.75 -11.52 -15.91
N PRO B 71 -10.06 -12.67 -15.89
CA PRO B 71 -9.12 -13.06 -16.96
C PRO B 71 -9.67 -12.75 -18.36
N SER B 72 -10.93 -13.09 -18.60
CA SER B 72 -11.62 -12.92 -19.88
C SER B 72 -11.75 -11.47 -20.38
N GLN B 73 -11.60 -10.49 -19.51
CA GLN B 73 -11.75 -9.10 -19.97
C GLN B 73 -10.54 -8.63 -20.77
N GLY B 74 -9.41 -9.29 -20.56
CA GLY B 74 -8.11 -8.81 -21.05
C GLY B 74 -7.61 -7.59 -20.27
N GLU B 75 -6.62 -6.90 -20.83
CA GLU B 75 -6.07 -5.70 -20.20
C GLU B 75 -6.89 -4.43 -20.49
N ILE B 76 -7.32 -4.28 -21.74
CA ILE B 76 -7.99 -3.06 -22.17
C ILE B 76 -9.40 -3.41 -22.62
N VAL B 77 -10.39 -2.77 -21.99
CA VAL B 77 -11.79 -2.89 -22.39
C VAL B 77 -12.21 -1.55 -22.98
N ARG B 78 -12.43 -1.55 -24.30
CA ARG B 78 -12.96 -0.39 -25.01
C ARG B 78 -14.49 -0.35 -24.84
N VAL B 79 -14.96 0.57 -23.98
CA VAL B 79 -16.38 0.67 -23.57
C VAL B 79 -17.20 1.48 -24.57
N ALA B 80 -16.70 2.66 -24.92
CA ALA B 80 -17.33 3.53 -25.89
C ALA B 80 -16.23 4.35 -26.53
N GLU B 81 -16.55 5.14 -27.56
CA GLU B 81 -15.60 6.14 -28.05
C GLU B 81 -15.06 6.97 -26.87
N ASN B 82 -13.74 7.10 -26.78
CA ASN B 82 -13.05 7.95 -25.76
C ASN B 82 -13.01 7.37 -24.35
N LEU B 83 -13.53 6.16 -24.18
CA LEU B 83 -13.69 5.57 -22.87
C LEU B 83 -13.14 4.16 -22.80
N ARG B 84 -12.14 3.95 -21.94
CA ARG B 84 -11.60 2.62 -21.71
C ARG B 84 -11.53 2.25 -20.22
N VAL B 85 -11.60 0.97 -19.95
CA VAL B 85 -11.28 0.44 -18.63
C VAL B 85 -9.97 -0.34 -18.76
N ILE B 86 -9.03 -0.02 -17.89
CA ILE B 86 -7.72 -0.64 -17.92
C ILE B 86 -7.64 -1.56 -16.70
N ASN B 87 -7.41 -2.85 -16.94
CA ASN B 87 -7.34 -3.81 -15.86
C ASN B 87 -5.87 -4.09 -15.52
N ILE B 88 -5.42 -3.68 -14.33
CA ILE B 88 -4.04 -3.82 -13.87
C ILE B 88 -3.91 -5.07 -12.98
N ALA B 89 -3.00 -5.99 -13.34
CA ALA B 89 -2.68 -7.14 -12.50
C ALA B 89 -1.85 -6.69 -11.28
N ALA B 90 -2.42 -6.89 -10.09
CA ALA B 90 -1.74 -6.60 -8.84
C ALA B 90 -2.40 -7.52 -7.82
N GLY B 91 -1.82 -8.69 -7.61
CA GLY B 91 -2.38 -9.68 -6.72
C GLY B 91 -3.27 -10.62 -7.51
N PRO B 92 -3.81 -11.66 -6.86
CA PRO B 92 -4.58 -12.67 -7.63
C PRO B 92 -5.93 -12.08 -8.10
N TYR B 93 -6.50 -12.63 -9.18
CA TYR B 93 -7.80 -12.21 -9.68
C TYR B 93 -8.91 -12.31 -8.62
N GLU B 94 -8.78 -13.32 -7.75
CA GLU B 94 -9.75 -13.55 -6.68
C GLU B 94 -9.06 -13.92 -5.38
N GLY B 95 -9.76 -13.73 -4.28
CA GLY B 95 -9.27 -14.20 -2.99
C GLY B 95 -8.54 -13.13 -2.21
N LEU B 96 -8.44 -11.94 -2.78
CA LEU B 96 -7.93 -10.78 -2.08
C LEU B 96 -9.08 -9.82 -1.73
N SER B 97 -9.39 -9.76 -0.45
CA SER B 97 -10.53 -9.02 0.06
C SER B 97 -10.21 -7.54 0.12
N LYS B 98 -11.25 -6.69 0.26
CA LYS B 98 -11.08 -5.24 0.32
C LYS B 98 -10.15 -4.79 1.45
N GLU B 99 -10.24 -5.44 2.61
CA GLU B 99 -9.39 -5.18 3.78
C GLU B 99 -7.87 -5.45 3.59
N GLU B 100 -7.55 -6.35 2.66
CA GLU B 100 -6.16 -6.69 2.31
C GLU B 100 -5.60 -5.92 1.10
N LEU B 101 -6.46 -5.18 0.41
CA LEU B 101 -6.05 -4.34 -0.74
C LEU B 101 -4.99 -3.27 -0.49
N PRO B 102 -4.85 -2.74 0.76
CA PRO B 102 -3.72 -1.84 0.97
C PRO B 102 -2.34 -2.43 0.66
N THR B 103 -2.20 -3.76 0.83
CA THR B 103 -0.94 -4.44 0.50
C THR B 103 -0.56 -4.30 -0.98
N GLN B 104 -1.56 -4.02 -1.83
CA GLN B 104 -1.34 -3.92 -3.28
C GLN B 104 -1.26 -2.49 -3.80
N LEU B 105 -1.24 -1.51 -2.89
CA LEU B 105 -1.15 -0.08 -3.22
C LEU B 105 0.02 0.28 -4.13
N ALA B 106 1.23 -0.15 -3.76
CA ALA B 106 2.43 0.17 -4.56
C ALA B 106 2.47 -0.67 -5.84
N ALA B 107 2.05 -1.94 -5.73
CA ALA B 107 2.10 -2.82 -6.89
C ALA B 107 1.14 -2.35 -7.96
N PHE B 108 -0.07 -1.99 -7.55
CA PHE B 108 -1.08 -1.48 -8.45
C PHE B 108 -0.61 -0.14 -9.08
N THR B 109 0.00 0.71 -8.28
CA THR B 109 0.59 1.97 -8.77
C THR B 109 1.68 1.71 -9.82
N GLY B 110 2.62 0.82 -9.46
CA GLY B 110 3.68 0.38 -10.40
C GLY B 110 3.10 -0.26 -11.66
N GLY B 111 2.03 -1.04 -11.50
CA GLY B 111 1.32 -1.68 -12.65
C GLY B 111 0.68 -0.64 -13.59
N MET B 112 0.08 0.38 -13.00
CA MET B 112 -0.40 1.52 -13.79
C MET B 112 0.72 2.17 -14.60
N LEU B 113 1.84 2.46 -13.92
CA LEU B 113 2.97 3.11 -14.53
C LEU B 113 3.55 2.30 -15.66
N SER B 114 3.72 1.01 -15.44
CA SER B 114 4.21 0.13 -16.48
C SER B 114 3.30 0.10 -17.71
N PHE B 115 1.99 0.05 -17.48
CA PHE B 115 1.02 0.20 -18.58
C PHE B 115 1.22 1.48 -19.41
N THR B 116 1.36 2.60 -18.68
CA THR B 116 1.48 3.90 -19.33
C THR B 116 2.75 3.95 -20.18
N ARG B 117 3.83 3.29 -19.72
CA ARG B 117 5.09 3.21 -20.49
C ARG B 117 4.96 2.32 -21.73
N ARG B 118 4.42 1.10 -21.57
CA ARG B 118 4.17 0.20 -22.71
C ARG B 118 3.28 0.86 -23.76
N GLU B 119 2.31 1.66 -23.28
CA GLU B 119 1.26 2.17 -24.13
C GLU B 119 1.51 3.59 -24.60
N LYS B 120 2.50 4.25 -23.99
CA LYS B 120 2.88 5.62 -24.34
C LYS B 120 1.70 6.58 -24.18
N VAL B 121 1.02 6.48 -23.03
CA VAL B 121 -0.12 7.34 -22.72
C VAL B 121 0.26 8.37 -21.64
N THR B 122 -0.23 9.60 -21.81
CA THR B 122 -0.11 10.66 -20.80
C THR B 122 -1.50 11.23 -20.49
N TYR B 123 -1.64 11.75 -19.26
CA TYR B 123 -2.90 12.32 -18.81
C TYR B 123 -2.71 13.79 -18.39
N ASP B 124 -3.78 14.58 -18.49
CA ASP B 124 -3.81 15.97 -18.02
C ASP B 124 -4.31 16.14 -16.59
N LEU B 125 -5.03 15.13 -16.08
CA LEU B 125 -5.59 15.19 -14.75
C LEU B 125 -5.99 13.79 -14.26
N ILE B 126 -5.98 13.61 -12.94
CA ILE B 126 -6.44 12.35 -12.31
C ILE B 126 -7.71 12.63 -11.47
N HIS B 127 -8.71 11.75 -11.55
CA HIS B 127 -9.88 11.80 -10.67
C HIS B 127 -9.89 10.42 -10.00
N SER B 128 -9.55 10.39 -8.71
CA SER B 128 -9.49 9.17 -7.93
C SER B 128 -10.77 9.04 -7.09
N HIS B 129 -11.16 7.80 -6.81
CA HIS B 129 -12.43 7.47 -6.16
C HIS B 129 -12.22 6.53 -4.99
N TYR B 130 -12.58 6.95 -3.77
CA TYR B 130 -12.36 6.15 -2.54
C TYR B 130 -10.88 6.19 -2.10
N TRP B 131 -10.63 6.06 -0.80
CA TRP B 131 -9.30 6.40 -0.24
C TRP B 131 -8.14 5.60 -0.83
N LEU B 132 -8.35 4.31 -1.15
CA LEU B 132 -7.29 3.49 -1.77
C LEU B 132 -6.81 4.07 -3.10
N SER B 133 -7.76 4.44 -3.96
CA SER B 133 -7.44 5.11 -5.22
C SER B 133 -6.89 6.51 -5.08
N GLY B 134 -7.37 7.27 -4.07
CA GLY B 134 -6.75 8.55 -3.73
C GLY B 134 -5.25 8.46 -3.42
N GLN B 135 -4.86 7.42 -2.69
CA GLN B 135 -3.46 7.23 -2.32
C GLN B 135 -2.60 6.97 -3.54
N VAL B 136 -3.13 6.13 -4.45
CA VAL B 136 -2.53 5.89 -5.76
C VAL B 136 -2.39 7.19 -6.56
N GLY B 137 -3.52 7.90 -6.69
CA GLY B 137 -3.59 9.17 -7.40
C GLY B 137 -2.72 10.28 -6.83
N TRP B 138 -2.56 10.29 -5.51
CA TRP B 138 -1.66 11.24 -4.87
C TRP B 138 -0.19 11.03 -5.33
N LEU B 139 0.27 9.78 -5.31
CA LEU B 139 1.63 9.51 -5.77
C LEU B 139 1.75 9.95 -7.24
N LEU B 140 0.77 9.56 -8.06
CA LEU B 140 0.86 9.77 -9.54
C LEU B 140 0.73 11.23 -9.94
N ARG B 141 -0.11 11.98 -9.23
CA ARG B 141 -0.23 13.44 -9.51
C ARG B 141 1.10 14.17 -9.34
N ASP B 142 1.87 13.81 -8.30
CA ASP B 142 3.23 14.35 -8.11
C ASP B 142 4.23 13.98 -9.22
N LEU B 143 4.23 12.70 -9.60
CA LEU B 143 5.06 12.17 -10.65
C LEU B 143 4.71 12.77 -12.01
N TRP B 144 3.42 12.75 -12.34
CA TRP B 144 2.94 13.28 -13.61
C TRP B 144 2.83 14.79 -13.65
N ARG B 145 2.90 15.44 -12.49
CA ARG B 145 2.79 16.92 -12.34
C ARG B 145 1.48 17.44 -12.92
N ILE B 146 0.39 16.83 -12.50
CA ILE B 146 -0.96 17.18 -12.96
C ILE B 146 -1.86 17.20 -11.74
N PRO B 147 -3.06 17.85 -11.85
CA PRO B 147 -3.95 17.94 -10.70
C PRO B 147 -4.57 16.59 -10.26
N LEU B 148 -4.80 16.46 -8.96
CA LEU B 148 -5.56 15.34 -8.42
C LEU B 148 -6.95 15.82 -7.95
N ILE B 149 -8.01 15.29 -8.56
CA ILE B 149 -9.38 15.51 -8.06
C ILE B 149 -9.74 14.25 -7.31
N HIS B 150 -10.28 14.41 -6.10
CA HIS B 150 -10.62 13.23 -5.32
C HIS B 150 -12.05 13.21 -4.79
N THR B 151 -12.75 12.10 -5.00
CA THR B 151 -14.09 11.88 -4.46
C THR B 151 -13.97 10.70 -3.49
N ALA B 152 -14.32 10.92 -2.23
CA ALA B 152 -14.22 9.88 -1.20
C ALA B 152 -15.33 8.82 -1.30
N HIS B 153 -16.53 9.26 -1.72
CA HIS B 153 -17.76 8.43 -1.72
C HIS B 153 -18.26 8.09 -0.31
N THR B 154 -17.43 7.41 0.48
CA THR B 154 -17.75 7.20 1.91
C THR B 154 -16.48 7.49 2.74
N LEU B 155 -16.69 7.79 4.02
CA LEU B 155 -15.63 8.25 4.89
C LEU B 155 -15.65 7.45 6.17
N ALA B 156 -14.47 7.10 6.69
CA ALA B 156 -14.36 6.33 7.93
C ALA B 156 -14.96 7.07 9.13
N ALA B 157 -14.82 8.39 9.15
CA ALA B 157 -15.30 9.24 10.24
C ALA B 157 -16.81 9.44 10.25
N VAL B 158 -17.43 9.33 9.08
CA VAL B 158 -18.89 9.32 8.96
C VAL B 158 -19.51 7.95 9.29
N LYS B 159 -18.82 6.84 9.02
CA LYS B 159 -19.34 5.51 9.40
C LYS B 159 -19.42 5.28 10.93
N THR B 168 -11.57 0.70 14.73
CA THR B 168 -10.53 -0.32 14.82
C THR B 168 -9.19 0.19 14.26
N PRO B 169 -8.09 -0.54 14.54
CA PRO B 169 -6.81 -0.21 13.88
C PRO B 169 -6.96 -0.06 12.36
N GLU B 170 -7.74 -0.94 11.74
CA GLU B 170 -8.10 -0.86 10.31
C GLU B 170 -8.77 0.45 9.93
N SER B 171 -9.84 0.80 10.67
CA SER B 171 -10.59 2.01 10.38
C SER B 171 -9.79 3.25 10.73
N GLU B 172 -8.97 3.19 11.79
CA GLU B 172 -8.09 4.33 12.14
C GLU B 172 -7.03 4.56 11.05
N ALA B 173 -6.46 3.48 10.51
CA ALA B 173 -5.53 3.57 9.38
C ALA B 173 -6.19 4.14 8.14
N ARG B 174 -7.44 3.73 7.85
CA ARG B 174 -8.18 4.28 6.72
C ARG B 174 -8.43 5.79 6.90
N ARG B 175 -8.79 6.18 8.12
CA ARG B 175 -9.08 7.58 8.41
C ARG B 175 -7.85 8.47 8.19
N ILE B 176 -6.68 7.93 8.54
CA ILE B 176 -5.42 8.64 8.40
C ILE B 176 -5.16 8.88 6.92
N CYS B 177 -5.42 7.85 6.10
CA CYS B 177 -5.25 7.99 4.65
C CYS B 177 -6.23 8.98 4.07
N GLU B 178 -7.48 8.96 4.55
CA GLU B 178 -8.48 9.91 4.07
C GLU B 178 -8.12 11.34 4.44
N GLN B 179 -7.52 11.50 5.62
CA GLN B 179 -7.06 12.79 6.09
C GLN B 179 -5.89 13.28 5.23
N GLN B 180 -4.99 12.36 4.86
CA GLN B 180 -3.90 12.69 3.95
C GLN B 180 -4.43 13.24 2.62
N LEU B 181 -5.48 12.62 2.09
CA LEU B 181 -6.08 13.09 0.83
C LEU B 181 -6.73 14.45 1.02
N VAL B 182 -7.43 14.62 2.14
CA VAL B 182 -7.92 15.96 2.55
C VAL B 182 -6.79 17.01 2.54
N ASP B 183 -5.63 16.67 3.10
CA ASP B 183 -4.52 17.63 3.21
C ASP B 183 -3.67 17.73 1.97
N ASN B 184 -3.87 16.86 0.97
CA ASN B 184 -2.98 16.90 -0.22
C ASN B 184 -3.61 17.05 -1.60
N ALA B 185 -4.84 16.54 -1.78
CA ALA B 185 -5.48 16.53 -3.11
C ALA B 185 -5.72 17.98 -3.53
N ASP B 186 -5.69 18.23 -4.83
CA ASP B 186 -5.93 19.58 -5.33
C ASP B 186 -7.38 19.99 -5.22
N VAL B 187 -8.32 19.08 -5.51
CA VAL B 187 -9.76 19.39 -5.35
C VAL B 187 -10.43 18.20 -4.66
N LEU B 188 -11.23 18.48 -3.63
CA LEU B 188 -12.06 17.45 -2.98
C LEU B 188 -13.50 17.59 -3.53
N ALA B 189 -13.91 16.62 -4.36
CA ALA B 189 -15.23 16.66 -4.98
C ALA B 189 -16.22 15.87 -4.12
N VAL B 190 -17.28 16.53 -3.67
CA VAL B 190 -18.29 15.89 -2.83
C VAL B 190 -19.65 15.90 -3.53
N ASN B 191 -20.53 15.00 -3.12
CA ASN B 191 -21.85 14.89 -3.70
C ASN B 191 -22.81 15.96 -3.24
N THR B 192 -22.69 16.35 -1.97
CA THR B 192 -23.61 17.26 -1.36
C THR B 192 -22.94 18.25 -0.41
N GLN B 193 -23.77 19.21 0.01
CA GLN B 193 -23.40 20.18 1.04
C GLN B 193 -23.13 19.50 2.39
N GLU B 194 -23.96 18.52 2.74
CA GLU B 194 -23.72 17.68 3.91
C GLU B 194 -22.33 17.04 3.89
N GLU B 195 -21.94 16.44 2.76
CA GLU B 195 -20.61 15.84 2.59
C GLU B 195 -19.48 16.85 2.80
N MET B 196 -19.67 18.06 2.27
CA MET B 196 -18.72 19.16 2.48
C MET B 196 -18.57 19.43 3.98
N GLN B 197 -19.70 19.42 4.69
CA GLN B 197 -19.73 19.70 6.12
C GLN B 197 -19.09 18.58 6.93
N ASP B 198 -19.24 17.33 6.48
CA ASP B 198 -18.60 16.19 7.14
C ASP B 198 -17.06 16.29 7.00
N LEU B 199 -16.62 16.77 5.85
CA LEU B 199 -15.18 16.97 5.58
C LEU B 199 -14.62 18.12 6.44
N MET B 200 -15.36 19.22 6.54
CA MET B 200 -14.99 20.29 7.48
C MET B 200 -14.97 19.84 8.96
N HIS B 201 -16.00 19.13 9.40
CA HIS B 201 -16.10 18.71 10.83
C HIS B 201 -15.05 17.68 11.19
N HIS B 202 -15.06 16.58 10.44
CA HIS B 202 -14.26 15.42 10.81
C HIS B 202 -12.82 15.51 10.36
N TYR B 203 -12.56 16.22 9.26
CA TYR B 203 -11.22 16.25 8.67
C TYR B 203 -10.58 17.64 8.55
N ASP B 204 -11.22 18.67 9.12
CA ASP B 204 -10.70 20.06 9.06
C ASP B 204 -10.29 20.38 7.61
N ALA B 205 -11.12 19.95 6.66
CA ALA B 205 -10.90 20.24 5.24
C ALA B 205 -11.11 21.72 4.98
N ASP B 206 -10.26 22.29 4.12
CA ASP B 206 -10.41 23.68 3.71
C ASP B 206 -11.61 23.80 2.77
N PRO B 207 -12.63 24.58 3.15
CA PRO B 207 -13.80 24.75 2.27
C PRO B 207 -13.45 25.30 0.86
N ASP B 208 -12.40 26.10 0.76
CA ASP B 208 -11.85 26.51 -0.55
C ASP B 208 -11.38 25.38 -1.51
N ARG B 209 -11.08 24.18 -1.00
CA ARG B 209 -10.67 23.05 -1.85
C ARG B 209 -11.79 22.07 -2.13
N ILE B 210 -12.97 22.38 -1.61
CA ILE B 210 -14.14 21.51 -1.73
C ILE B 210 -15.09 22.00 -2.82
N SER B 211 -15.48 21.10 -3.69
CA SER B 211 -16.38 21.43 -4.75
C SER B 211 -17.56 20.43 -4.69
N VAL B 212 -18.78 20.96 -4.70
CA VAL B 212 -19.99 20.13 -4.72
C VAL B 212 -20.34 19.74 -6.16
N VAL B 213 -20.24 18.44 -6.46
CA VAL B 213 -20.57 17.91 -7.78
C VAL B 213 -21.75 16.95 -7.62
N SER B 214 -22.92 17.36 -8.07
CA SER B 214 -24.14 16.60 -7.80
C SER B 214 -24.26 15.42 -8.73
N PRO B 215 -24.47 14.23 -8.16
CA PRO B 215 -24.70 13.05 -8.97
C PRO B 215 -26.03 13.16 -9.71
N GLY B 216 -26.13 12.44 -10.84
CA GLY B 216 -27.39 12.33 -11.56
C GLY B 216 -28.42 11.43 -10.87
N ALA B 217 -29.64 11.48 -11.37
CA ALA B 217 -30.71 10.62 -10.88
C ALA B 217 -30.33 9.14 -11.01
N ASP B 218 -30.68 8.35 -9.99
CA ASP B 218 -30.53 6.90 -10.02
C ASP B 218 -31.62 6.39 -10.94
N VAL B 219 -31.28 6.22 -12.23
CA VAL B 219 -32.28 5.86 -13.25
C VAL B 219 -32.71 4.38 -13.21
N GLU B 220 -32.01 3.57 -12.40
CA GLU B 220 -32.40 2.18 -12.19
C GLU B 220 -33.47 2.15 -11.13
N LEU B 221 -33.22 2.86 -10.01
CA LEU B 221 -34.23 3.02 -8.97
C LEU B 221 -35.45 3.83 -9.46
N TYR B 222 -35.19 4.99 -10.05
CA TYR B 222 -36.26 5.83 -10.54
C TYR B 222 -36.61 5.40 -11.95
N SER B 223 -37.67 4.60 -12.08
CA SER B 223 -38.10 4.01 -13.34
C SER B 223 -39.64 3.85 -13.30
N PRO B 224 -40.30 3.75 -14.48
CA PRO B 224 -41.78 3.58 -14.46
C PRO B 224 -42.24 2.22 -13.90
N GLY B 225 -41.38 1.21 -13.98
CA GLY B 225 -41.72 -0.14 -13.56
C GLY B 225 -42.59 -0.81 -14.60
N ASN B 226 -43.10 -1.98 -14.26
CA ASN B 226 -44.03 -2.68 -15.14
C ASN B 226 -45.43 -2.03 -15.27
N ASP B 227 -46.34 -2.73 -15.94
CA ASP B 227 -47.70 -2.24 -16.18
C ASP B 227 -48.55 -2.03 -14.92
N ARG B 228 -48.12 -2.59 -13.79
CA ARG B 228 -48.92 -2.49 -12.54
C ARG B 228 -48.27 -1.55 -11.54
N ALA B 229 -47.08 -1.04 -11.88
CA ALA B 229 -46.28 -0.28 -10.92
C ALA B 229 -46.97 1.00 -10.43
N THR B 230 -47.62 1.74 -11.34
CA THR B 230 -48.32 2.95 -10.85
C THR B 230 -49.54 2.65 -9.96
N GLU B 231 -50.30 1.62 -10.32
CA GLU B 231 -51.35 1.05 -9.47
C GLU B 231 -50.83 0.68 -8.04
N ARG B 232 -49.68 0.00 -7.96
CA ARG B 232 -49.08 -0.41 -6.69
C ARG B 232 -48.77 0.75 -5.79
N SER B 233 -48.15 1.75 -6.38
CA SER B 233 -47.80 3.02 -5.75
C SER B 233 -49.02 3.77 -5.20
N ARG B 234 -50.06 3.87 -6.01
CA ARG B 234 -51.33 4.51 -5.59
C ARG B 234 -51.95 3.79 -4.40
N ARG B 235 -51.95 2.46 -4.45
CA ARG B 235 -52.52 1.61 -3.38
C ARG B 235 -51.75 1.80 -2.09
N GLU B 236 -50.41 1.75 -2.17
CA GLU B 236 -49.56 2.00 -1.00
C GLU B 236 -49.90 3.33 -0.33
N LEU B 237 -50.08 4.36 -1.15
CA LEU B 237 -50.37 5.71 -0.66
C LEU B 237 -51.84 5.98 -0.38
N GLY B 238 -52.70 5.00 -0.63
CA GLY B 238 -54.14 5.15 -0.33
C GLY B 238 -54.89 6.10 -1.25
N ILE B 239 -54.41 6.25 -2.49
CA ILE B 239 -54.98 7.20 -3.46
C ILE B 239 -55.73 6.38 -4.53
N PRO B 240 -57.01 6.72 -4.83
CA PRO B 240 -57.76 6.01 -5.89
C PRO B 240 -57.04 6.10 -7.26
N LEU B 241 -57.27 5.13 -8.13
CA LEU B 241 -56.54 5.09 -9.41
C LEU B 241 -56.97 6.20 -10.38
N HIS B 242 -58.21 6.64 -10.26
CA HIS B 242 -58.81 7.62 -11.17
C HIS B 242 -58.47 9.08 -10.81
N THR B 243 -57.97 9.33 -9.61
CA THR B 243 -57.67 10.69 -9.15
C THR B 243 -56.48 11.24 -9.93
N LYS B 244 -56.49 12.54 -10.20
CA LYS B 244 -55.29 13.21 -10.71
C LYS B 244 -54.42 13.62 -9.55
N VAL B 245 -53.11 13.37 -9.66
CA VAL B 245 -52.17 13.63 -8.57
C VAL B 245 -51.03 14.54 -9.01
N VAL B 246 -50.84 15.62 -8.25
CA VAL B 246 -49.65 16.48 -8.41
C VAL B 246 -48.75 16.28 -7.20
N ALA B 247 -47.47 16.08 -7.45
CA ALA B 247 -46.52 15.89 -6.34
C ALA B 247 -45.44 16.97 -6.30
N PHE B 248 -45.03 17.27 -5.07
CA PHE B 248 -43.85 18.13 -4.81
C PHE B 248 -42.93 17.26 -3.98
N VAL B 249 -41.66 17.27 -4.36
CA VAL B 249 -40.62 16.59 -3.60
C VAL B 249 -39.50 17.58 -3.35
N GLY B 250 -39.10 17.71 -2.10
CA GLY B 250 -37.96 18.56 -1.79
C GLY B 250 -38.09 19.17 -0.43
N ARG B 251 -37.03 19.85 -0.02
CA ARG B 251 -36.99 20.51 1.27
C ARG B 251 -37.99 21.65 1.30
N LEU B 252 -38.74 21.73 2.39
CA LEU B 252 -39.84 22.65 2.52
C LEU B 252 -39.30 23.96 3.02
N GLN B 253 -38.79 24.73 2.08
CA GLN B 253 -38.29 26.07 2.37
C GLN B 253 -38.64 26.94 1.17
N PRO B 254 -38.79 28.28 1.40
CA PRO B 254 -39.39 29.18 0.40
C PRO B 254 -38.67 29.24 -0.97
N PHE B 255 -37.36 29.09 -1.01
CA PHE B 255 -36.63 29.07 -2.30
C PHE B 255 -36.84 27.82 -3.19
N LYS B 256 -37.50 26.80 -2.62
CA LYS B 256 -37.93 25.65 -3.38
C LYS B 256 -39.40 25.80 -3.81
N GLY B 257 -40.03 26.90 -3.42
CA GLY B 257 -41.39 27.25 -3.83
C GLY B 257 -42.55 26.32 -3.48
N PRO B 258 -42.50 25.64 -2.31
CA PRO B 258 -43.74 24.88 -2.02
C PRO B 258 -44.98 25.77 -1.83
N GLN B 259 -44.78 26.97 -1.28
CA GLN B 259 -45.84 27.99 -1.15
C GLN B 259 -46.46 28.40 -2.53
N VAL B 260 -45.64 28.43 -3.59
CA VAL B 260 -46.08 28.69 -4.98
C VAL B 260 -47.07 27.61 -5.44
N LEU B 261 -46.71 26.34 -5.20
CA LEU B 261 -47.60 25.26 -5.51
C LEU B 261 -48.91 25.37 -4.72
N ILE B 262 -48.80 25.59 -3.41
CA ILE B 262 -49.99 25.64 -2.58
C ILE B 262 -50.99 26.71 -3.04
N LYS B 263 -50.46 27.91 -3.33
CA LYS B 263 -51.27 29.03 -3.76
C LYS B 263 -51.81 28.79 -5.15
N ALA B 264 -51.06 28.09 -5.98
CA ALA B 264 -51.56 27.75 -7.33
C ALA B 264 -52.72 26.74 -7.29
N VAL B 265 -52.65 25.81 -6.35
CA VAL B 265 -53.70 24.83 -6.12
C VAL B 265 -54.97 25.51 -5.62
N ALA B 266 -54.83 26.50 -4.72
CA ALA B 266 -55.99 27.25 -4.26
C ALA B 266 -56.66 27.97 -5.44
N ALA B 267 -55.86 28.58 -6.31
CA ALA B 267 -56.36 29.26 -7.53
C ALA B 267 -57.08 28.30 -8.51
N LEU B 268 -56.50 27.11 -8.74
CA LEU B 268 -57.19 26.05 -9.49
C LEU B 268 -58.55 25.73 -8.92
N PHE B 269 -58.58 25.43 -7.62
CA PHE B 269 -59.86 25.18 -6.95
C PHE B 269 -60.83 26.35 -6.93
N ASP B 270 -60.34 27.58 -6.82
CA ASP B 270 -61.17 28.79 -7.01
C ASP B 270 -61.82 28.88 -8.38
N ARG B 271 -61.05 28.56 -9.43
CA ARG B 271 -61.57 28.57 -10.80
C ARG B 271 -62.63 27.50 -11.03
N ASP B 272 -62.41 26.31 -10.48
CA ASP B 272 -63.32 25.20 -10.72
C ASP B 272 -63.10 24.19 -9.59
N PRO B 273 -64.05 24.12 -8.64
CA PRO B 273 -63.93 23.25 -7.46
C PRO B 273 -64.02 21.74 -7.75
N ASP B 274 -64.41 21.37 -8.98
CA ASP B 274 -64.60 19.96 -9.39
C ASP B 274 -63.41 19.43 -10.20
N ARG B 275 -62.37 18.94 -9.53
CA ARG B 275 -61.13 18.59 -10.20
C ARG B 275 -60.68 17.12 -10.13
N ASN B 276 -61.34 16.34 -9.28
CA ASN B 276 -60.83 15.02 -8.91
C ASN B 276 -59.30 15.05 -8.79
N LEU B 277 -58.82 16.04 -8.04
CA LEU B 277 -57.38 16.36 -7.90
C LEU B 277 -56.94 16.27 -6.45
N ARG B 278 -55.80 15.61 -6.25
CA ARG B 278 -55.12 15.64 -4.96
C ARG B 278 -53.63 15.98 -5.15
N VAL B 279 -53.08 16.59 -4.13
CA VAL B 279 -51.67 17.00 -4.14
C VAL B 279 -50.96 16.32 -2.99
N ILE B 280 -49.76 15.81 -3.26
CA ILE B 280 -48.89 15.24 -2.22
C ILE B 280 -47.56 15.98 -2.21
N ILE B 281 -47.14 16.35 -1.01
CA ILE B 281 -45.92 17.14 -0.79
C ILE B 281 -44.99 16.39 0.17
N CYS B 282 -43.82 16.01 -0.35
CA CYS B 282 -42.85 15.25 0.43
C CYS B 282 -41.45 15.92 0.47
N GLY B 283 -40.91 16.37 1.61
CA GLY B 283 -41.65 16.79 2.77
C GLY B 283 -40.87 17.22 4.03
N GLY B 284 -39.55 17.43 3.96
CA GLY B 284 -38.79 17.76 5.21
C GLY B 284 -38.71 19.25 5.60
N PRO B 285 -38.83 19.57 6.91
CA PRO B 285 -38.77 20.98 7.39
C PRO B 285 -37.39 21.62 7.19
N SER B 286 -37.35 22.94 7.09
CA SER B 286 -36.09 23.69 7.01
C SER B 286 -35.71 24.30 8.36
N THR B 294 -46.88 24.94 8.96
CA THR B 294 -46.52 26.22 8.33
C THR B 294 -47.05 26.25 6.91
N TYR B 295 -46.69 25.22 6.16
CA TYR B 295 -47.26 25.04 4.85
C TYR B 295 -48.64 24.43 4.99
N ARG B 296 -48.89 23.61 6.03
CA ARG B 296 -50.29 23.24 6.25
C ARG B 296 -51.11 24.40 6.77
N HIS B 297 -50.58 25.18 7.71
CA HIS B 297 -51.26 26.42 8.13
C HIS B 297 -51.65 27.29 6.90
N MET B 298 -50.69 27.44 6.00
CA MET B 298 -50.92 28.15 4.74
C MET B 298 -52.05 27.50 3.92
N ALA B 299 -52.05 26.15 3.82
CA ALA B 299 -53.05 25.43 3.06
C ALA B 299 -54.45 25.60 3.68
N GLU B 300 -54.57 25.55 5.01
CA GLU B 300 -55.89 25.76 5.58
C GLU B 300 -56.40 27.19 5.52
N GLU B 301 -55.51 28.17 5.66
CA GLU B 301 -55.83 29.60 5.41
C GLU B 301 -56.54 29.76 4.06
N LEU B 302 -56.09 29.02 3.06
CA LEU B 302 -56.63 29.07 1.70
C LEU B 302 -57.70 28.01 1.39
N GLY B 303 -58.04 27.17 2.37
CA GLY B 303 -59.19 26.27 2.21
C GLY B 303 -58.90 25.04 1.35
N VAL B 304 -57.61 24.74 1.17
CA VAL B 304 -57.17 23.61 0.36
C VAL B 304 -56.46 22.53 1.15
N GLU B 305 -56.60 22.54 2.48
CA GLU B 305 -55.92 21.55 3.32
C GLU B 305 -56.44 20.09 3.19
N LYS B 306 -57.67 19.90 2.69
CA LYS B 306 -58.17 18.55 2.36
C LYS B 306 -57.86 18.14 0.92
N ARG B 307 -57.15 18.99 0.18
CA ARG B 307 -56.70 18.66 -1.17
C ARG B 307 -55.15 18.47 -1.28
N ILE B 308 -54.44 18.78 -0.19
CA ILE B 308 -52.96 18.72 -0.14
C ILE B 308 -52.57 17.94 1.11
N ARG B 309 -51.89 16.80 0.90
CA ARG B 309 -51.36 16.00 1.98
C ARG B 309 -49.84 16.16 2.06
N PHE B 310 -49.34 16.30 3.29
CA PHE B 310 -47.92 16.37 3.57
C PHE B 310 -47.39 15.02 4.01
N LEU B 311 -46.37 14.54 3.28
CA LEU B 311 -45.82 13.20 3.53
C LEU B 311 -44.45 13.39 4.16
N ASP B 312 -44.12 12.57 5.14
CA ASP B 312 -42.81 12.66 5.77
C ASP B 312 -41.71 12.28 4.78
N PRO B 313 -40.53 12.96 4.88
CA PRO B 313 -39.38 12.57 4.07
C PRO B 313 -39.14 11.06 4.23
N ARG B 314 -38.69 10.43 3.17
CA ARG B 314 -38.50 8.99 3.16
C ARG B 314 -37.28 8.71 2.29
N PRO B 315 -36.67 7.52 2.43
CA PRO B 315 -35.48 7.24 1.61
C PRO B 315 -35.84 7.09 0.13
N PRO B 316 -34.83 7.12 -0.77
CA PRO B 316 -35.03 6.96 -2.22
C PRO B 316 -35.91 5.76 -2.65
N SER B 317 -35.73 4.61 -2.01
CA SER B 317 -36.50 3.42 -2.36
C SER B 317 -38.00 3.62 -2.09
N GLU B 318 -38.34 4.49 -1.13
CA GLU B 318 -39.73 4.81 -0.81
C GLU B 318 -40.25 6.00 -1.63
N LEU B 319 -39.31 6.83 -2.08
CA LEU B 319 -39.65 8.02 -2.86
C LEU B 319 -40.15 7.64 -4.26
N VAL B 320 -39.73 6.46 -4.76
CA VAL B 320 -40.15 6.00 -6.11
C VAL B 320 -41.68 5.96 -6.25
N ALA B 321 -42.36 5.44 -5.22
CA ALA B 321 -43.81 5.40 -5.18
C ALA B 321 -44.48 6.78 -5.29
N VAL B 322 -43.90 7.80 -4.66
CA VAL B 322 -44.42 9.19 -4.79
C VAL B 322 -44.37 9.64 -6.26
N TYR B 323 -43.21 9.50 -6.89
CA TYR B 323 -43.05 9.88 -8.29
C TYR B 323 -43.98 9.05 -9.18
N ARG B 324 -44.05 7.74 -8.93
CA ARG B 324 -44.91 6.85 -9.74
C ARG B 324 -46.39 7.18 -9.61
N ALA B 325 -46.85 7.48 -8.39
CA ALA B 325 -48.27 7.81 -8.15
C ALA B 325 -48.68 9.14 -8.77
N ALA B 326 -47.73 10.08 -8.85
CA ALA B 326 -47.96 11.38 -9.45
C ALA B 326 -48.29 11.36 -10.96
N ASP B 327 -49.22 12.20 -11.37
CA ASP B 327 -49.39 12.46 -12.81
C ASP B 327 -48.47 13.55 -13.30
N ILE B 328 -48.12 14.47 -12.39
CA ILE B 328 -47.28 15.63 -12.64
C ILE B 328 -46.46 15.89 -11.38
N VAL B 329 -45.20 16.25 -11.56
CA VAL B 329 -44.34 16.76 -10.49
C VAL B 329 -44.11 18.25 -10.78
N ALA B 330 -44.44 19.08 -9.78
CA ALA B 330 -44.25 20.53 -9.84
C ALA B 330 -42.96 20.94 -9.17
N VAL B 331 -42.08 21.63 -9.90
CA VAL B 331 -40.84 22.14 -9.27
C VAL B 331 -40.66 23.70 -9.42
N PRO B 332 -41.34 24.45 -8.54
CA PRO B 332 -41.45 25.91 -8.57
C PRO B 332 -40.33 26.59 -7.83
N SER B 333 -39.10 26.09 -8.01
CA SER B 333 -37.92 26.64 -7.37
C SER B 333 -37.63 28.09 -7.82
N PHE B 334 -37.11 28.86 -6.87
CA PHE B 334 -36.58 30.18 -7.13
C PHE B 334 -35.10 30.05 -7.44
N ASN B 335 -34.44 29.14 -6.69
CA ASN B 335 -33.07 28.69 -6.93
C ASN B 335 -33.00 27.16 -7.15
N GLU B 336 -32.29 26.74 -8.19
CA GLU B 336 -32.11 25.31 -8.45
C GLU B 336 -30.88 25.10 -9.30
N SER B 337 -29.69 25.00 -8.68
CA SER B 337 -28.41 24.78 -9.45
C SER B 337 -28.58 23.81 -10.66
N PHE B 338 -29.43 22.77 -10.62
CA PHE B 338 -29.08 21.33 -10.71
C PHE B 338 -30.34 20.61 -11.22
N GLY B 339 -31.36 20.49 -10.38
CA GLY B 339 -32.62 19.89 -10.80
C GLY B 339 -32.71 18.37 -10.64
N LEU B 340 -32.12 17.86 -9.57
CA LEU B 340 -32.12 16.42 -9.31
C LEU B 340 -33.57 15.88 -9.19
N VAL B 341 -34.44 16.61 -8.49
CA VAL B 341 -35.83 16.14 -8.31
C VAL B 341 -36.54 15.99 -9.65
N ALA B 342 -36.38 16.99 -10.51
CA ALA B 342 -36.93 16.99 -11.86
C ALA B 342 -36.46 15.76 -12.65
N MET B 343 -35.20 15.39 -12.48
CA MET B 343 -34.67 14.26 -13.24
C MET B 343 -35.11 12.95 -12.65
N GLU B 344 -35.25 12.88 -11.32
CA GLU B 344 -35.80 11.67 -10.68
C GLU B 344 -37.24 11.40 -11.14
N ALA B 345 -38.03 12.47 -11.19
CA ALA B 345 -39.41 12.42 -11.66
C ALA B 345 -39.48 11.96 -13.13
N GLN B 346 -38.72 12.62 -14.00
CA GLN B 346 -38.69 12.18 -15.41
C GLN B 346 -38.23 10.73 -15.64
N ALA B 347 -37.13 10.31 -14.97
CA ALA B 347 -36.67 8.90 -15.00
C ALA B 347 -37.81 7.94 -14.58
N SER B 348 -38.65 8.39 -13.64
CA SER B 348 -39.77 7.60 -13.16
C SER B 348 -40.95 7.56 -14.16
N GLY B 349 -40.89 8.35 -15.23
CA GLY B 349 -41.99 8.42 -16.20
C GLY B 349 -43.07 9.45 -15.91
N THR B 350 -42.71 10.47 -15.12
CA THR B 350 -43.68 11.50 -14.72
C THR B 350 -43.22 12.86 -15.27
N PRO B 351 -44.09 13.52 -16.05
CA PRO B 351 -43.71 14.84 -16.60
C PRO B 351 -43.60 15.91 -15.50
N VAL B 352 -42.83 16.96 -15.79
CA VAL B 352 -42.46 17.96 -14.80
C VAL B 352 -42.90 19.33 -15.28
N ILE B 353 -43.51 20.10 -14.37
CA ILE B 353 -43.71 21.53 -14.58
C ILE B 353 -42.72 22.23 -13.67
N ALA B 354 -41.71 22.85 -14.28
CA ALA B 354 -40.64 23.51 -13.53
C ALA B 354 -40.60 25.04 -13.79
N ALA B 355 -40.20 25.83 -12.77
CA ALA B 355 -39.80 27.22 -13.01
C ALA B 355 -38.64 27.32 -14.02
N ARG B 356 -38.66 28.36 -14.85
CA ARG B 356 -37.59 28.53 -15.83
C ARG B 356 -36.38 29.18 -15.12
N VAL B 357 -35.72 28.42 -14.25
CA VAL B 357 -34.57 28.92 -13.48
C VAL B 357 -33.45 27.90 -13.39
N GLY B 358 -32.21 28.40 -13.23
CA GLY B 358 -31.07 27.55 -12.97
C GLY B 358 -30.92 26.43 -14.00
N GLY B 359 -30.68 25.21 -13.52
CA GLY B 359 -30.48 24.07 -14.39
C GLY B 359 -31.77 23.41 -14.84
N LEU B 360 -32.94 23.98 -14.48
CA LEU B 360 -34.22 23.36 -14.84
C LEU B 360 -34.56 23.36 -16.35
N PRO B 361 -34.25 24.47 -17.08
CA PRO B 361 -34.45 24.36 -18.54
C PRO B 361 -33.65 23.26 -19.23
N ILE B 362 -32.56 22.82 -18.59
CA ILE B 362 -31.77 21.72 -19.11
C ILE B 362 -32.36 20.39 -18.68
N ALA B 363 -32.80 20.30 -17.43
CA ALA B 363 -33.32 19.05 -16.88
C ALA B 363 -34.66 18.64 -17.49
N VAL B 364 -35.44 19.61 -17.94
CA VAL B 364 -36.77 19.33 -18.54
C VAL B 364 -36.72 19.75 -20.01
N ALA B 365 -37.12 18.85 -20.91
CA ALA B 365 -37.23 19.18 -22.33
C ALA B 365 -38.58 19.87 -22.58
N GLU B 366 -38.55 21.19 -22.62
CA GLU B 366 -39.78 21.99 -22.68
C GLU B 366 -40.69 21.57 -23.85
N GLY B 367 -41.96 21.26 -23.56
CA GLY B 367 -42.91 20.87 -24.61
C GLY B 367 -42.83 19.38 -24.98
N GLU B 368 -41.81 18.69 -24.47
CA GLU B 368 -41.59 17.29 -24.79
C GLU B 368 -41.74 16.37 -23.58
N THR B 369 -41.21 16.81 -22.44
CA THR B 369 -41.20 16.00 -21.23
C THR B 369 -41.82 16.75 -20.05
N GLY B 370 -42.34 17.93 -20.33
CA GLY B 370 -42.89 18.79 -19.30
C GLY B 370 -43.03 20.19 -19.85
N LEU B 371 -43.27 21.12 -18.93
CA LEU B 371 -43.39 22.56 -19.22
C LEU B 371 -42.45 23.35 -18.34
N LEU B 372 -42.08 24.54 -18.83
CA LEU B 372 -41.33 25.56 -18.07
C LEU B 372 -42.22 26.75 -17.78
N VAL B 373 -42.28 27.20 -16.53
CA VAL B 373 -43.11 28.38 -16.16
C VAL B 373 -42.22 29.60 -15.93
N ASP B 374 -42.64 30.73 -16.48
CA ASP B 374 -41.97 32.00 -16.22
C ASP B 374 -42.44 32.62 -14.91
N GLY B 375 -41.53 32.71 -13.95
CA GLY B 375 -41.82 33.29 -12.65
C GLY B 375 -42.66 32.38 -11.76
N HIS B 376 -43.26 33.01 -10.76
CA HIS B 376 -43.85 32.26 -9.66
C HIS B 376 -45.28 32.67 -9.25
N SER B 377 -46.02 33.38 -10.10
CA SER B 377 -47.40 33.75 -9.73
C SER B 377 -48.29 32.51 -9.62
N PRO B 378 -49.21 32.50 -8.64
CA PRO B 378 -50.18 31.43 -8.55
C PRO B 378 -50.97 31.23 -9.84
N HIS B 379 -51.25 32.31 -10.55
CA HIS B 379 -52.05 32.25 -11.78
C HIS B 379 -51.31 31.52 -12.92
N ALA B 380 -50.04 31.82 -13.10
CA ALA B 380 -49.25 31.19 -14.16
C ALA B 380 -49.01 29.71 -13.83
N TRP B 381 -48.91 29.40 -12.55
CA TRP B 381 -48.73 28.02 -12.15
C TRP B 381 -50.01 27.23 -12.29
N ALA B 382 -51.15 27.82 -11.88
CA ALA B 382 -52.48 27.22 -12.12
C ALA B 382 -52.74 26.95 -13.61
N ASP B 383 -52.39 27.92 -14.47
CA ASP B 383 -52.48 27.76 -15.92
C ASP B 383 -51.73 26.52 -16.46
N ALA B 384 -50.46 26.36 -16.08
CA ALA B 384 -49.65 25.22 -16.53
C ALA B 384 -50.17 23.87 -16.01
N LEU B 385 -50.55 23.84 -14.74
CA LEU B 385 -51.15 22.67 -14.12
C LEU B 385 -52.42 22.24 -14.82
N ALA B 386 -53.35 23.17 -15.02
CA ALA B 386 -54.60 22.94 -15.76
C ALA B 386 -54.35 22.38 -17.17
N THR B 387 -53.39 22.96 -17.89
CA THR B 387 -53.12 22.50 -19.24
C THR B 387 -52.69 21.03 -19.25
N LEU B 388 -51.79 20.62 -18.36
CA LEU B 388 -51.33 19.23 -18.36
C LEU B 388 -52.36 18.28 -17.72
N LEU B 389 -53.06 18.76 -16.70
CA LEU B 389 -54.12 17.95 -16.05
C LEU B 389 -55.29 17.64 -16.99
N ASP B 390 -55.69 18.62 -17.79
CA ASP B 390 -56.84 18.46 -18.69
C ASP B 390 -56.47 17.77 -20.02
N ASP B 391 -55.21 17.86 -20.44
CA ASP B 391 -54.80 17.21 -21.70
C ASP B 391 -54.09 15.86 -21.41
N ASP B 392 -54.87 14.78 -21.28
CA ASP B 392 -54.36 13.46 -20.89
C ASP B 392 -53.37 12.88 -21.86
N GLU B 393 -53.74 12.96 -23.13
CA GLU B 393 -52.96 12.51 -24.26
C GLU B 393 -51.56 13.11 -24.27
N THR B 394 -51.46 14.44 -24.22
CA THR B 394 -50.17 15.13 -24.17
C THR B 394 -49.37 14.77 -22.91
N ARG B 395 -50.03 14.81 -21.76
CA ARG B 395 -49.38 14.55 -20.48
C ARG B 395 -48.78 13.12 -20.42
N ILE B 396 -49.56 12.15 -20.88
CA ILE B 396 -49.12 10.75 -20.88
C ILE B 396 -47.92 10.54 -21.82
N ARG B 397 -47.99 11.09 -23.02
CA ARG B 397 -46.87 11.02 -23.94
C ARG B 397 -45.62 11.66 -23.32
N MET B 398 -45.77 12.82 -22.67
CA MET B 398 -44.67 13.51 -22.00
C MET B 398 -43.99 12.63 -20.93
N GLY B 399 -44.80 11.94 -20.12
CA GLY B 399 -44.27 11.03 -19.12
C GLY B 399 -43.51 9.87 -19.74
N GLU B 400 -44.05 9.33 -20.84
CA GLU B 400 -43.34 8.26 -21.55
C GLU B 400 -42.01 8.74 -22.12
N ASP B 401 -42.02 9.92 -22.73
CA ASP B 401 -40.80 10.48 -23.32
C ASP B 401 -39.77 10.90 -22.25
N ALA B 402 -40.24 11.19 -21.04
CA ALA B 402 -39.38 11.65 -19.94
C ALA B 402 -38.29 10.63 -19.52
N VAL B 403 -38.63 9.34 -19.61
CA VAL B 403 -37.72 8.26 -19.20
C VAL B 403 -36.41 8.28 -19.98
N GLU B 404 -36.49 8.26 -21.33
CA GLU B 404 -35.32 8.31 -22.19
C GLU B 404 -34.61 9.65 -22.10
N HIS B 405 -35.36 10.72 -21.91
CA HIS B 405 -34.76 12.03 -21.60
C HIS B 405 -33.87 12.03 -20.35
N ALA B 406 -34.37 11.47 -19.25
CA ALA B 406 -33.56 11.36 -18.04
C ALA B 406 -32.30 10.48 -18.24
N ARG B 407 -32.47 9.33 -18.90
CA ARG B 407 -31.39 8.36 -19.15
C ARG B 407 -30.23 8.94 -19.99
N THR B 408 -30.58 9.84 -20.91
CA THR B 408 -29.61 10.47 -21.79
C THR B 408 -29.00 11.69 -21.11
N PHE B 409 -29.78 12.38 -20.27
CA PHE B 409 -29.36 13.71 -19.82
C PHE B 409 -29.11 13.99 -18.33
N SER B 410 -29.46 13.09 -17.40
CA SER B 410 -29.23 13.40 -15.96
C SER B 410 -27.79 13.42 -15.52
N TRP B 411 -27.02 12.40 -15.88
CA TRP B 411 -25.59 12.42 -15.57
C TRP B 411 -24.79 13.36 -16.43
N ALA B 412 -25.38 13.76 -17.56
CA ALA B 412 -24.74 14.76 -18.44
C ALA B 412 -24.48 16.11 -17.74
N ALA B 413 -25.36 16.52 -16.83
CA ALA B 413 -25.14 17.78 -16.09
C ALA B 413 -24.05 17.66 -15.01
N THR B 414 -23.95 16.47 -14.40
CA THR B 414 -22.85 16.12 -13.50
C THR B 414 -21.51 16.22 -14.27
N ALA B 415 -21.45 15.60 -15.45
CA ALA B 415 -20.26 15.66 -16.30
C ALA B 415 -19.85 17.06 -16.79
N ALA B 416 -20.84 17.93 -17.08
CA ALA B 416 -20.58 19.36 -17.35
C ALA B 416 -19.92 20.05 -16.14
N GLN B 417 -20.45 19.83 -14.94
CA GLN B 417 -19.81 20.28 -13.68
C GLN B 417 -18.35 19.74 -13.55
N LEU B 418 -18.15 18.44 -13.77
CA LEU B 418 -16.79 17.85 -13.71
C LEU B 418 -15.84 18.51 -14.74
N SER B 419 -16.28 18.61 -15.99
CA SER B 419 -15.51 19.21 -17.08
C SER B 419 -15.14 20.66 -16.76
N SER B 420 -16.09 21.44 -16.28
CA SER B 420 -15.79 22.78 -15.74
C SER B 420 -14.75 22.78 -14.58
N LEU B 421 -14.95 21.93 -13.60
CA LEU B 421 -14.02 21.78 -12.50
C LEU B 421 -12.61 21.33 -12.97
N TYR B 422 -12.54 20.37 -13.90
CA TYR B 422 -11.28 19.91 -14.49
C TYR B 422 -10.52 21.03 -15.17
N ASN B 423 -11.21 21.79 -16.02
CA ASN B 423 -10.60 22.93 -16.70
C ASN B 423 -9.99 23.98 -15.73
N ASP B 424 -10.73 24.29 -14.68
CA ASP B 424 -10.26 25.17 -13.62
C ASP B 424 -9.04 24.64 -12.86
N ALA B 425 -9.05 23.35 -12.52
CA ALA B 425 -7.92 22.70 -11.85
C ALA B 425 -6.68 22.76 -12.71
N ILE B 426 -6.85 22.47 -14.00
CA ILE B 426 -5.78 22.53 -14.97
C ILE B 426 -5.29 23.97 -15.20
N ALA B 427 -6.20 24.93 -15.31
CA ALA B 427 -5.82 26.35 -15.49
C ALA B 427 -4.96 26.82 -14.30
N ASN B 428 -5.32 26.33 -13.11
CA ASN B 428 -4.69 26.76 -11.87
C ASN B 428 -3.68 25.74 -11.33
N GLU B 429 -3.31 24.76 -12.16
CA GLU B 429 -2.34 23.72 -11.81
C GLU B 429 -0.93 24.26 -11.50
N ASN B 430 -0.53 24.13 -10.25
CA ASN B 430 0.89 24.20 -9.92
C ASN B 430 1.24 23.04 -8.97
N VAL B 431 1.96 22.07 -9.56
CA VAL B 431 2.41 20.85 -8.91
C VAL B 431 3.92 20.78 -9.19
N ASP B 432 4.75 20.94 -8.17
CA ASP B 432 6.18 20.66 -8.39
C ASP B 432 6.63 19.32 -7.83
N GLY B 433 5.72 18.61 -7.14
CA GLY B 433 6.05 17.28 -6.62
C GLY B 433 6.91 17.32 -5.37
N GLU B 434 7.10 18.52 -4.80
CA GLU B 434 8.00 18.73 -3.65
C GLU B 434 7.27 18.85 -2.31
N THR B 435 6.02 19.30 -2.36
CA THR B 435 5.23 19.48 -1.17
C THR B 435 4.42 18.21 -0.98
N HIS B 436 4.64 17.54 0.15
CA HIS B 436 4.07 16.23 0.47
C HIS B 436 3.78 16.19 1.99
N HIS B 437 2.50 16.32 2.34
CA HIS B 437 2.15 16.41 3.75
C HIS B 437 1.74 15.01 4.19
N GLY B 438 2.75 14.19 4.50
CA GLY B 438 2.49 12.77 4.84
C GLY B 438 1.96 12.59 6.24
S SO4 C . 26.30 12.60 -8.49
O1 SO4 C . 26.53 12.96 -9.91
O2 SO4 C . 26.10 13.82 -7.68
O3 SO4 C . 25.05 11.74 -8.42
O4 SO4 C . 27.44 11.88 -7.91
S SO4 D . 8.14 -10.87 11.22
O1 SO4 D . 8.04 -12.03 10.33
O2 SO4 D . 9.50 -10.33 11.19
O3 SO4 D . 7.18 -9.84 10.81
O4 SO4 D . 7.81 -11.31 12.57
S SO4 E . 11.18 12.23 20.31
O1 SO4 E . 10.91 13.41 19.51
O2 SO4 E . 10.77 12.49 21.69
O3 SO4 E . 10.43 11.09 19.80
O4 SO4 E . 12.61 11.95 20.30
S SO4 F . -47.41 7.76 4.01
O1 SO4 F . -46.36 7.00 3.37
O2 SO4 F . -46.95 9.13 4.23
O3 SO4 F . -48.57 7.75 3.13
O4 SO4 F . -47.75 7.21 5.33
S SO4 G . -59.98 2.74 -7.60
O1 SO4 G . -60.03 3.41 -8.89
O2 SO4 G . -58.81 3.11 -6.85
O3 SO4 G . -61.20 3.04 -6.83
O4 SO4 G . -59.90 1.29 -7.82
S SO4 H . -46.60 -6.89 -9.71
O1 SO4 H . -46.07 -6.88 -11.07
O2 SO4 H . -46.73 -5.50 -9.25
O3 SO4 H . -47.94 -7.50 -9.72
O4 SO4 H . -45.70 -7.61 -8.81
S SO4 I . -13.95 -14.45 -15.97
O1 SO4 I . -14.29 -13.34 -16.86
O2 SO4 I . -14.00 -14.04 -14.55
O3 SO4 I . -14.94 -15.50 -16.20
O4 SO4 I . -12.61 -14.92 -16.30
S SO4 J . -17.45 1.41 3.01
O1 SO4 J . -17.53 1.58 1.56
O2 SO4 J . -16.08 1.04 3.37
O3 SO4 J . -17.83 2.64 3.71
O4 SO4 J . -18.35 0.34 3.43
#